data_6OBQ
#
_entry.id   6OBQ
#
_cell.length_a   64.916
_cell.length_b   76.619
_cell.length_c   130.927
_cell.angle_alpha   90.00
_cell.angle_beta   90.00
_cell.angle_gamma   90.00
#
_symmetry.space_group_name_H-M   'P 21 21 21'
#
loop_
_entity.id
_entity.type
_entity.pdbx_description
1 polymer 'Serine/threonine-protein phosphatase PP1-alpha catalytic subunit'
2 polymer 'Microcystin LR'
3 non-polymer 'MANGANESE (II) ION'
4 water water
#
loop_
_entity_poly.entity_id
_entity_poly.type
_entity_poly.pdbx_seq_one_letter_code
_entity_poly.pdbx_strand_id
1 'polypeptide(L)'
;GHMGSLNLDSIIGRLLEVQGSRPGKNVQLTENEIRGLCLKSREIFLSQPILLELEAPLKICGDIKGQYYDLLRLFEYGGF
PPESNYLFLGDYVDRGKQSLETICLLLAYKIKYPENFFLLRGNHECASINRIYGFYDECKRRYNIKLWKTFTDCFNCLPI
AAIVDEKIFCCHGGLSPDLQSMEQIRRIMRPTDVPDQGLLCDLLWSDPDKDVQGWGENDRGVSFTFGAEVVAKFLHKHDL
DLICRAHQVVEDGYEFFAKRQLVTLFSAPNYCGEFDNAGAMMSVDETLMCSFQILKPAD
;
A,B
2 'polypeptide(L)' (DAL)L(ACB)R(1ZN)(FGA)(DAM) C,D
#
loop_
_chem_comp.id
_chem_comp.type
_chem_comp.name
_chem_comp.formula
1ZN peptide-like '(2S,3S,4E,6E,8S,9S)-3-amino-9-methoxy-2,6,8-trimethyl-10-phenyldeca-4,6-dienoic acid' 'C20 H29 N O3'
ACB D-beta-peptide, C-gamma linking '3-METHYL-BETA-D-ASPARTIC ACID' 'C5 H9 N O4'
FGA D-gamma-peptide, C-delta linking 'GAMMA-D-GLUTAMIC ACID' 'C5 H9 N O4'
MN non-polymer 'MANGANESE (II) ION' 'Mn 2'
#
# COMPACT_ATOMS: atom_id res chain seq x y z
N LEU A 6 -30.73 -15.77 15.95
CA LEU A 6 -29.64 -14.80 15.99
C LEU A 6 -29.76 -13.82 14.83
N ASN A 7 -30.06 -12.56 15.15
CA ASN A 7 -30.21 -11.51 14.13
C ASN A 7 -28.84 -10.90 13.84
N LEU A 8 -28.14 -11.52 12.88
CA LEU A 8 -26.81 -11.06 12.51
C LEU A 8 -26.84 -9.65 11.95
N ASP A 9 -27.79 -9.36 11.05
CA ASP A 9 -27.80 -8.06 10.39
C ASP A 9 -28.08 -6.93 11.38
N SER A 10 -28.92 -7.18 12.37
CA SER A 10 -29.15 -6.19 13.42
C SER A 10 -27.91 -5.97 14.25
N ILE A 11 -27.21 -7.06 14.60
CA ILE A 11 -25.98 -6.95 15.37
C ILE A 11 -24.93 -6.15 14.59
N ILE A 12 -24.74 -6.49 13.32
CA ILE A 12 -23.76 -5.78 12.50
C ILE A 12 -24.15 -4.32 12.33
N GLY A 13 -25.44 -4.06 12.10
CA GLY A 13 -25.88 -2.68 11.91
C GLY A 13 -25.61 -1.81 13.12
N ARG A 14 -25.89 -2.32 14.32
CA ARG A 14 -25.63 -1.55 15.53
C ARG A 14 -24.14 -1.32 15.72
N LEU A 15 -23.31 -2.31 15.37
CA LEU A 15 -21.86 -2.15 15.48
C LEU A 15 -21.30 -1.14 14.48
N LEU A 16 -21.88 -1.07 13.28
CA LEU A 16 -21.41 -0.12 12.28
C LEU A 16 -22.01 1.27 12.47
N GLU A 17 -23.06 1.39 13.29
CA GLU A 17 -23.77 2.67 13.43
C GLU A 17 -22.89 3.76 14.00
N VAL A 18 -21.88 3.40 14.79
CA VAL A 18 -21.03 4.39 15.44
C VAL A 18 -19.95 4.94 14.53
N GLN A 19 -19.93 4.55 13.25
CA GLN A 19 -18.99 5.11 12.30
C GLN A 19 -19.14 6.64 12.26
N GLY A 20 -18.04 7.35 12.48
CA GLY A 20 -18.10 8.79 12.50
C GLY A 20 -18.64 9.40 13.77
N SER A 21 -19.00 8.58 14.76
CA SER A 21 -19.57 9.06 16.02
C SER A 21 -18.48 9.60 16.95
N ARG A 22 -18.94 9.99 18.14
CA ARG A 22 -18.09 10.52 19.20
C ARG A 22 -16.87 9.64 19.44
N PRO A 23 -15.65 10.24 19.59
CA PRO A 23 -14.39 9.50 19.82
C PRO A 23 -14.46 7.99 20.04
N GLY A 24 -14.82 7.56 21.25
CA GLY A 24 -14.89 6.15 21.56
C GLY A 24 -16.26 5.68 22.01
N LYS A 25 -17.28 5.97 21.22
CA LYS A 25 -18.65 5.58 21.57
C LYS A 25 -18.79 4.06 21.57
N ASN A 26 -19.36 3.52 22.64
CA ASN A 26 -19.52 2.08 22.78
C ASN A 26 -20.69 1.57 21.94
N VAL A 27 -20.61 0.29 21.56
CA VAL A 27 -21.75 -0.48 21.10
C VAL A 27 -21.97 -1.61 22.09
N GLN A 28 -23.11 -1.60 22.77
CA GLN A 28 -23.39 -2.55 23.84
C GLN A 28 -24.47 -3.52 23.34
N LEU A 29 -24.02 -4.65 22.80
CA LEU A 29 -24.93 -5.73 22.44
C LEU A 29 -25.47 -6.40 23.70
N THR A 30 -26.51 -7.21 23.54
CA THR A 30 -27.01 -7.95 24.68
C THR A 30 -26.10 -9.15 24.95
N GLU A 31 -26.15 -9.61 26.20
CA GLU A 31 -25.35 -10.76 26.60
C GLU A 31 -25.78 -12.02 25.83
N ASN A 32 -27.07 -12.14 25.53
CA ASN A 32 -27.54 -13.27 24.72
C ASN A 32 -27.04 -13.16 23.29
N GLU A 33 -26.99 -11.95 22.72
CA GLU A 33 -26.47 -11.77 21.38
C GLU A 33 -25.01 -12.18 21.30
N ILE A 34 -24.21 -11.76 22.28
CA ILE A 34 -22.78 -12.07 22.27
C ILE A 34 -22.55 -13.57 22.48
N ARG A 35 -23.33 -14.19 23.38
CA ARG A 35 -23.23 -15.63 23.56
C ARG A 35 -23.55 -16.35 22.26
N GLY A 36 -24.61 -15.90 21.55
CA GLY A 36 -24.89 -16.48 20.24
C GLY A 36 -23.74 -16.32 19.27
N LEU A 37 -23.12 -15.14 19.26
CA LEU A 37 -21.95 -14.92 18.40
C LEU A 37 -20.84 -15.92 18.71
N CYS A 38 -20.55 -16.14 19.99
CA CYS A 38 -19.49 -17.05 20.37
C CYS A 38 -19.83 -18.49 19.99
N LEU A 39 -21.06 -18.92 20.26
CA LEU A 39 -21.43 -20.32 20.03
C LEU A 39 -21.50 -20.64 18.54
N LYS A 40 -22.09 -19.75 17.75
CA LYS A 40 -22.21 -20.01 16.32
C LYS A 40 -20.85 -19.94 15.63
N SER A 41 -20.01 -18.97 15.99
CA SER A 41 -18.69 -18.87 15.36
C SER A 41 -17.80 -20.03 15.79
N ARG A 42 -17.86 -20.43 17.07
CA ARG A 42 -17.11 -21.59 17.53
C ARG A 42 -17.45 -22.84 16.71
N GLU A 43 -18.74 -23.05 16.45
CA GLU A 43 -19.16 -24.17 15.63
C GLU A 43 -18.55 -24.09 14.22
N ILE A 44 -18.49 -22.89 13.66
CA ILE A 44 -17.90 -22.73 12.32
C ILE A 44 -16.40 -22.98 12.34
N PHE A 45 -15.69 -22.46 13.35
CA PHE A 45 -14.25 -22.69 13.45
C PHE A 45 -13.94 -24.18 13.49
N LEU A 46 -14.70 -24.93 14.28
CA LEU A 46 -14.44 -26.36 14.43
C LEU A 46 -14.75 -27.13 13.14
N SER A 47 -15.70 -26.65 12.34
CA SER A 47 -16.04 -27.32 11.09
C SER A 47 -15.02 -27.06 10.00
N GLN A 48 -14.16 -26.06 10.15
CA GLN A 48 -13.13 -25.72 9.18
C GLN A 48 -11.75 -26.13 9.69
N PRO A 49 -10.79 -26.33 8.80
CA PRO A 49 -9.48 -26.85 9.22
C PRO A 49 -8.77 -25.90 10.19
N ILE A 50 -7.92 -26.48 11.03
CA ILE A 50 -7.09 -25.66 11.91
C ILE A 50 -5.99 -24.98 11.11
N LEU A 51 -5.59 -25.59 9.99
CA LEU A 51 -4.65 -24.99 9.05
C LEU A 51 -5.46 -24.61 7.80
N LEU A 52 -5.79 -23.33 7.68
CA LEU A 52 -6.66 -22.89 6.60
C LEU A 52 -5.92 -22.87 5.27
N GLU A 53 -6.62 -23.26 4.21
CA GLU A 53 -6.11 -23.19 2.85
C GLU A 53 -6.96 -22.15 2.10
N LEU A 54 -6.37 -20.99 1.87
CA LEU A 54 -7.12 -19.83 1.38
C LEU A 54 -6.65 -19.44 -0.02
N GLU A 55 -7.49 -18.65 -0.68
CA GLU A 55 -7.28 -18.19 -2.04
C GLU A 55 -7.23 -16.67 -2.09
N ALA A 56 -6.33 -16.14 -2.91
CA ALA A 56 -6.29 -14.72 -3.17
C ALA A 56 -7.31 -14.37 -4.25
N PRO A 57 -7.70 -13.10 -4.39
CA PRO A 57 -7.28 -11.92 -3.64
C PRO A 57 -7.92 -11.84 -2.25
N LEU A 58 -7.20 -11.22 -1.33
CA LEU A 58 -7.70 -11.02 0.04
C LEU A 58 -6.87 -9.93 0.69
N LYS A 59 -7.37 -9.45 1.82
CA LYS A 59 -6.63 -8.50 2.64
C LYS A 59 -6.30 -9.17 3.97
N ILE A 60 -5.10 -8.89 4.47
CA ILE A 60 -4.57 -9.53 5.68
C ILE A 60 -4.27 -8.44 6.70
N CYS A 61 -4.80 -8.60 7.91
CA CYS A 61 -4.59 -7.64 8.98
C CYS A 61 -3.83 -8.26 10.13
N GLY A 62 -2.94 -7.47 10.73
CA GLY A 62 -2.27 -7.82 11.96
C GLY A 62 -3.05 -7.36 13.18
N ASP A 63 -2.33 -7.06 14.26
CA ASP A 63 -2.95 -6.83 15.56
C ASP A 63 -3.95 -5.69 15.52
N ILE A 64 -5.08 -5.89 16.20
CA ILE A 64 -6.07 -4.86 16.40
C ILE A 64 -6.08 -4.38 17.86
N LYS A 65 -5.89 -5.30 18.80
CA LYS A 65 -5.74 -4.98 20.22
C LYS A 65 -6.83 -4.04 20.72
N GLY A 66 -8.07 -4.38 20.41
CA GLY A 66 -9.22 -3.66 20.93
C GLY A 66 -9.40 -2.24 20.43
N GLN A 67 -8.68 -1.84 19.38
CA GLN A 67 -8.84 -0.50 18.81
C GLN A 67 -9.93 -0.57 17.76
N TYR A 68 -11.18 -0.54 18.25
CA TYR A 68 -12.34 -0.77 17.40
C TYR A 68 -12.46 0.27 16.30
N TYR A 69 -12.24 1.53 16.62
CA TYR A 69 -12.41 2.57 15.61
C TYR A 69 -11.32 2.51 14.55
N ASP A 70 -10.16 1.92 14.87
CA ASP A 70 -9.17 1.66 13.86
C ASP A 70 -9.55 0.45 13.00
N LEU A 71 -10.21 -0.55 13.59
CA LEU A 71 -10.77 -1.63 12.80
C LEU A 71 -11.76 -1.10 11.77
N LEU A 72 -12.62 -0.16 12.18
CA LEU A 72 -13.57 0.44 11.26
C LEU A 72 -12.86 1.19 10.14
N ARG A 73 -11.77 1.87 10.45
CA ARG A 73 -11.02 2.57 9.40
C ARG A 73 -10.42 1.58 8.41
N LEU A 74 -9.93 0.44 8.90
CA LEU A 74 -9.38 -0.58 8.03
C LEU A 74 -10.45 -1.12 7.07
N PHE A 75 -11.64 -1.38 7.58
CA PHE A 75 -12.73 -1.82 6.72
C PHE A 75 -13.16 -0.71 5.76
N GLU A 76 -13.13 0.55 6.22
N GLU A 76 -13.13 0.55 6.22
CA GLU A 76 -13.42 1.66 5.33
C GLU A 76 -12.42 1.73 4.20
C GLU A 76 -12.41 1.73 4.19
N TYR A 77 -11.13 1.57 4.51
CA TYR A 77 -10.09 1.67 3.49
C TYR A 77 -10.13 0.47 2.54
N GLY A 78 -10.29 -0.73 3.09
CA GLY A 78 -10.19 -1.94 2.29
C GLY A 78 -11.50 -2.49 1.77
N GLY A 79 -12.62 -1.95 2.23
CA GLY A 79 -13.92 -2.46 1.85
C GLY A 79 -14.53 -3.32 2.94
N PHE A 80 -15.72 -2.96 3.39
CA PHE A 80 -16.40 -3.75 4.40
C PHE A 80 -16.75 -5.13 3.83
N PRO A 81 -16.59 -6.19 4.60
CA PRO A 81 -17.01 -7.52 4.15
C PRO A 81 -18.44 -7.51 3.68
N PRO A 82 -18.76 -8.25 2.61
CA PRO A 82 -17.88 -9.15 1.88
C PRO A 82 -17.27 -8.53 0.61
N GLU A 83 -17.20 -7.19 0.54
CA GLU A 83 -16.66 -6.55 -0.67
C GLU A 83 -15.23 -7.00 -0.93
N SER A 84 -14.52 -7.41 0.12
CA SER A 84 -13.21 -8.03 -0.01
CA SER A 84 -13.19 -8.02 0.00
C SER A 84 -13.12 -9.18 0.98
N ASN A 85 -12.34 -10.20 0.60
CA ASN A 85 -12.05 -11.30 1.53
C ASN A 85 -11.00 -10.83 2.53
N TYR A 86 -11.09 -11.36 3.76
CA TYR A 86 -10.22 -10.93 4.84
C TYR A 86 -9.62 -12.13 5.55
N LEU A 87 -8.35 -11.99 5.94
CA LEU A 87 -7.70 -12.88 6.88
C LEU A 87 -7.10 -12.01 7.98
N PHE A 88 -7.50 -12.26 9.22
CA PHE A 88 -6.92 -11.59 10.39
C PHE A 88 -5.97 -12.57 11.09
N LEU A 89 -4.87 -12.05 11.63
CA LEU A 89 -3.81 -12.88 12.17
C LEU A 89 -3.82 -12.94 13.69
N GLY A 90 -4.88 -12.48 14.35
CA GLY A 90 -5.03 -12.65 15.78
C GLY A 90 -4.82 -11.36 16.55
N ASP A 91 -4.88 -11.51 17.87
CA ASP A 91 -4.71 -10.41 18.84
C ASP A 91 -5.76 -9.32 18.60
N TYR A 92 -7.02 -9.72 18.78
CA TYR A 92 -8.16 -8.83 18.65
C TYR A 92 -8.49 -8.10 19.94
N VAL A 93 -8.15 -8.70 21.08
CA VAL A 93 -8.56 -8.20 22.40
C VAL A 93 -7.31 -7.85 23.21
N ASP A 94 -7.56 -7.26 24.39
CA ASP A 94 -6.58 -6.73 25.33
C ASP A 94 -6.05 -5.37 24.91
N ARG A 95 -5.51 -4.63 25.89
CA ARG A 95 -4.85 -3.33 25.72
C ARG A 95 -5.80 -2.22 25.37
N GLY A 96 -6.55 -2.37 24.28
CA GLY A 96 -7.40 -1.30 23.80
C GLY A 96 -8.61 -1.06 24.68
N LYS A 97 -9.35 0.00 24.32
CA LYS A 97 -10.52 0.41 25.08
C LYS A 97 -11.80 -0.32 24.67
N GLN A 98 -11.82 -0.97 23.51
CA GLN A 98 -13.04 -1.54 22.97
C GLN A 98 -12.81 -2.93 22.37
N SER A 99 -12.28 -3.83 23.19
CA SER A 99 -12.10 -5.20 22.73
C SER A 99 -13.44 -5.87 22.39
N LEU A 100 -14.50 -5.54 23.13
CA LEU A 100 -15.78 -6.21 22.93
C LEU A 100 -16.36 -5.91 21.56
N GLU A 101 -16.41 -4.63 21.17
CA GLU A 101 -16.89 -4.30 19.83
C GLU A 101 -16.02 -4.93 18.76
N THR A 102 -14.70 -4.94 18.99
CA THR A 102 -13.79 -5.51 18.01
C THR A 102 -14.08 -6.99 17.76
N ILE A 103 -14.04 -7.81 18.82
CA ILE A 103 -14.23 -9.24 18.64
C ILE A 103 -15.65 -9.56 18.20
N CYS A 104 -16.64 -8.75 18.62
CA CYS A 104 -18.03 -9.06 18.25
C CYS A 104 -18.27 -8.82 16.77
N LEU A 105 -17.72 -7.74 16.22
CA LEU A 105 -17.88 -7.49 14.78
C LEU A 105 -17.15 -8.54 13.97
N LEU A 106 -15.97 -8.97 14.41
CA LEU A 106 -15.24 -10.00 13.68
C LEU A 106 -15.98 -11.33 13.73
N LEU A 107 -16.51 -11.70 14.90
CA LEU A 107 -17.25 -12.96 14.97
C LEU A 107 -18.52 -12.89 14.13
N ALA A 108 -19.21 -11.75 14.15
CA ALA A 108 -20.41 -11.59 13.34
C ALA A 108 -20.09 -11.74 11.86
N TYR A 109 -18.98 -11.15 11.41
CA TYR A 109 -18.59 -11.31 10.01
C TYR A 109 -18.19 -12.75 9.68
N LYS A 110 -17.57 -13.45 10.64
CA LYS A 110 -17.23 -14.85 10.41
C LYS A 110 -18.50 -15.69 10.22
N ILE A 111 -19.54 -15.41 11.00
CA ILE A 111 -20.79 -16.17 10.87
C ILE A 111 -21.51 -15.80 9.59
N LYS A 112 -21.50 -14.52 9.21
CA LYS A 112 -22.24 -14.11 8.02
C LYS A 112 -21.55 -14.58 6.73
N TYR A 113 -20.22 -14.51 6.67
CA TYR A 113 -19.46 -14.86 5.47
C TYR A 113 -18.38 -15.87 5.82
N PRO A 114 -18.75 -17.10 6.20
CA PRO A 114 -17.75 -18.04 6.73
C PRO A 114 -16.75 -18.52 5.71
N GLU A 115 -17.02 -18.39 4.41
CA GLU A 115 -16.08 -18.82 3.38
C GLU A 115 -15.29 -17.66 2.78
N ASN A 116 -15.49 -16.44 3.28
CA ASN A 116 -14.85 -15.26 2.72
C ASN A 116 -14.25 -14.37 3.80
N PHE A 117 -14.22 -14.84 5.05
CA PHE A 117 -13.77 -14.06 6.19
C PHE A 117 -13.13 -15.03 7.16
N PHE A 118 -11.90 -14.74 7.58
CA PHE A 118 -11.13 -15.72 8.35
C PHE A 118 -10.38 -15.06 9.48
N LEU A 119 -10.35 -15.73 10.63
CA LEU A 119 -9.69 -15.24 11.83
C LEU A 119 -8.75 -16.31 12.34
N LEU A 120 -7.48 -15.95 12.49
CA LEU A 120 -6.52 -16.82 13.15
C LEU A 120 -6.43 -16.45 14.64
N ARG A 121 -5.87 -17.38 15.41
CA ARG A 121 -5.65 -17.19 16.84
C ARG A 121 -4.35 -16.46 17.08
N GLY A 122 -4.40 -15.43 17.91
CA GLY A 122 -3.21 -14.79 18.43
C GLY A 122 -2.94 -15.25 19.85
N ASN A 123 -1.78 -14.84 20.38
CA ASN A 123 -1.44 -15.23 21.74
C ASN A 123 -2.30 -14.52 22.77
N HIS A 124 -3.03 -13.47 22.38
CA HIS A 124 -3.95 -12.83 23.31
C HIS A 124 -5.34 -13.45 23.31
N GLU A 125 -5.63 -14.34 22.37
CA GLU A 125 -6.87 -15.13 22.42
C GLU A 125 -6.65 -16.33 23.35
N CYS A 126 -6.42 -16.01 24.62
CA CYS A 126 -5.95 -16.98 25.60
C CYS A 126 -6.29 -16.45 26.97
N ALA A 127 -7.01 -17.25 27.77
CA ALA A 127 -7.59 -16.75 29.02
C ALA A 127 -6.52 -16.25 29.98
N SER A 128 -5.42 -16.97 30.12
CA SER A 128 -4.41 -16.56 31.09
C SER A 128 -3.74 -15.26 30.68
N ILE A 129 -3.63 -15.00 29.37
CA ILE A 129 -3.13 -13.70 28.92
C ILE A 129 -4.18 -12.62 29.09
N ASN A 130 -5.41 -12.85 28.64
N ASN A 130 -5.41 -12.89 28.62
CA ASN A 130 -6.38 -11.76 28.71
CA ASN A 130 -6.49 -11.92 28.70
C ASN A 130 -6.89 -11.51 30.13
C ASN A 130 -6.74 -11.47 30.14
N ARG A 131 -6.57 -12.38 31.10
CA ARG A 131 -6.82 -12.05 32.50
C ARG A 131 -5.97 -10.88 32.96
N ILE A 132 -4.78 -10.72 32.38
CA ILE A 132 -3.83 -9.69 32.80
C ILE A 132 -3.98 -8.41 31.98
N TYR A 133 -4.22 -8.53 30.67
CA TYR A 133 -3.96 -7.43 29.75
C TYR A 133 -5.21 -6.69 29.29
N GLY A 134 -6.38 -6.95 29.89
CA GLY A 134 -7.49 -6.06 29.69
C GLY A 134 -8.85 -6.68 29.36
N PHE A 135 -8.87 -7.76 28.57
CA PHE A 135 -10.15 -8.27 28.11
C PHE A 135 -11.00 -8.79 29.27
N TYR A 136 -10.37 -9.41 30.26
CA TYR A 136 -11.11 -9.88 31.43
C TYR A 136 -11.79 -8.74 32.15
N ASP A 137 -11.05 -7.65 32.42
CA ASP A 137 -11.62 -6.51 33.12
C ASP A 137 -12.73 -5.85 32.29
N GLU A 138 -12.56 -5.80 30.97
CA GLU A 138 -13.60 -5.23 30.13
C GLU A 138 -14.87 -6.07 30.19
N CYS A 139 -14.75 -7.41 30.09
CA CYS A 139 -15.93 -8.26 30.17
C CYS A 139 -16.60 -8.15 31.53
N LYS A 140 -15.80 -8.16 32.60
CA LYS A 140 -16.37 -8.09 33.95
C LYS A 140 -17.07 -6.74 34.16
N ARG A 141 -16.49 -5.66 33.64
CA ARG A 141 -17.07 -4.35 33.83
C ARG A 141 -18.34 -4.17 33.01
N ARG A 142 -18.32 -4.58 31.74
CA ARG A 142 -19.42 -4.31 30.83
C ARG A 142 -20.41 -5.46 30.71
N TYR A 143 -20.03 -6.67 31.12
CA TYR A 143 -20.96 -7.80 31.12
C TYR A 143 -20.78 -8.60 32.39
N ASN A 144 -20.27 -9.83 32.28
CA ASN A 144 -19.95 -10.62 33.46
C ASN A 144 -18.88 -11.63 33.08
N ILE A 145 -18.35 -12.32 34.10
CA ILE A 145 -17.24 -13.24 33.86
C ILE A 145 -17.72 -14.49 33.12
N LYS A 146 -18.99 -14.85 33.27
CA LYS A 146 -19.54 -15.98 32.51
C LYS A 146 -19.40 -15.74 31.01
N LEU A 147 -19.67 -14.52 30.56
CA LEU A 147 -19.49 -14.21 29.14
C LEU A 147 -18.02 -14.28 28.74
N TRP A 148 -17.12 -13.88 29.64
CA TRP A 148 -15.69 -13.98 29.35
C TRP A 148 -15.27 -15.43 29.15
N LYS A 149 -15.78 -16.34 29.99
CA LYS A 149 -15.53 -17.76 29.78
C LYS A 149 -16.07 -18.22 28.43
N THR A 150 -17.26 -17.74 28.07
CA THR A 150 -17.83 -18.05 26.75
C THR A 150 -16.90 -17.60 25.63
N PHE A 151 -16.31 -16.41 25.75
CA PHE A 151 -15.32 -15.98 24.75
C PHE A 151 -14.13 -16.92 24.71
N THR A 152 -13.65 -17.34 25.89
CA THR A 152 -12.49 -18.23 25.94
CA THR A 152 -12.48 -18.22 25.92
C THR A 152 -12.79 -19.57 25.28
N ASP A 153 -14.00 -20.10 25.51
CA ASP A 153 -14.40 -21.34 24.85
C ASP A 153 -14.36 -21.18 23.35
N CYS A 154 -14.72 -20.00 22.86
CA CYS A 154 -14.67 -19.72 21.44
C CYS A 154 -13.24 -19.55 20.96
N PHE A 155 -12.42 -18.81 21.72
CA PHE A 155 -11.02 -18.61 21.36
C PHE A 155 -10.28 -19.93 21.24
N ASN A 156 -10.63 -20.90 22.09
CA ASN A 156 -9.92 -22.17 22.09
C ASN A 156 -10.14 -22.99 20.83
N CYS A 157 -11.09 -22.58 19.96
CA CYS A 157 -11.36 -23.28 18.72
C CYS A 157 -10.89 -22.53 17.49
N LEU A 158 -10.23 -21.38 17.65
CA LEU A 158 -9.75 -20.63 16.50
C LEU A 158 -8.69 -21.42 15.74
N PRO A 159 -8.64 -21.31 14.42
CA PRO A 159 -7.52 -21.89 13.67
C PRO A 159 -6.22 -21.16 13.97
N ILE A 160 -5.10 -21.83 13.67
CA ILE A 160 -3.78 -21.39 14.10
CA ILE A 160 -3.81 -21.32 14.10
C ILE A 160 -2.93 -20.89 12.94
N ALA A 161 -3.16 -21.36 11.72
CA ALA A 161 -2.34 -20.93 10.60
C ALA A 161 -3.17 -20.97 9.33
N ALA A 162 -2.62 -20.36 8.28
CA ALA A 162 -3.26 -20.35 6.97
C ALA A 162 -2.18 -20.29 5.90
N ILE A 163 -2.46 -20.91 4.76
CA ILE A 163 -1.59 -20.89 3.59
C ILE A 163 -2.39 -20.34 2.43
N VAL A 164 -1.93 -19.24 1.84
CA VAL A 164 -2.64 -18.60 0.74
C VAL A 164 -2.07 -19.11 -0.58
N ASP A 165 -2.93 -19.79 -1.34
CA ASP A 165 -2.59 -20.30 -2.68
C ASP A 165 -1.25 -21.04 -2.68
N GLU A 166 -1.03 -21.84 -1.65
CA GLU A 166 0.14 -22.72 -1.50
C GLU A 166 1.46 -21.94 -1.49
N LYS A 167 1.44 -20.64 -1.21
CA LYS A 167 2.66 -19.85 -1.34
C LYS A 167 2.93 -18.94 -0.15
N ILE A 168 1.89 -18.48 0.54
CA ILE A 168 2.04 -17.54 1.65
C ILE A 168 1.60 -18.23 2.93
N PHE A 169 2.55 -18.46 3.83
CA PHE A 169 2.25 -19.07 5.12
C PHE A 169 1.98 -17.99 6.16
N CYS A 170 0.81 -18.06 6.81
CA CYS A 170 0.34 -17.02 7.70
C CYS A 170 0.09 -17.60 9.09
N CYS A 171 0.62 -16.92 10.11
CA CYS A 171 0.34 -17.23 11.51
C CYS A 171 0.60 -15.97 12.32
N HIS A 172 0.21 -16.00 13.59
CA HIS A 172 0.32 -14.79 14.40
C HIS A 172 1.77 -14.53 14.80
N GLY A 173 2.41 -15.52 15.42
CA GLY A 173 3.76 -15.34 15.92
C GLY A 173 4.84 -15.63 14.90
N GLY A 174 5.14 -16.91 14.68
CA GLY A 174 6.16 -17.24 13.71
C GLY A 174 6.46 -18.73 13.68
N LEU A 175 7.71 -19.05 13.36
CA LEU A 175 8.13 -20.42 13.15
C LEU A 175 8.44 -21.11 14.48
N SER A 176 8.63 -22.43 14.41
CA SER A 176 8.86 -23.28 15.55
C SER A 176 10.00 -24.25 15.26
N PRO A 177 10.87 -24.52 16.24
CA PRO A 177 11.86 -25.60 16.06
C PRO A 177 11.22 -26.97 16.00
N ASP A 178 9.96 -27.11 16.39
CA ASP A 178 9.23 -28.36 16.29
C ASP A 178 8.37 -28.46 15.04
N LEU A 179 8.39 -27.45 14.17
CA LEU A 179 7.56 -27.45 12.97
C LEU A 179 8.40 -27.98 11.81
N GLN A 180 8.23 -29.26 11.50
CA GLN A 180 8.87 -29.88 10.34
C GLN A 180 7.91 -30.22 9.22
N SER A 181 6.64 -30.47 9.53
CA SER A 181 5.65 -30.82 8.52
C SER A 181 4.36 -30.06 8.79
N MET A 182 3.69 -29.63 7.71
CA MET A 182 2.41 -28.99 7.84
C MET A 182 1.37 -29.91 8.48
N GLU A 183 1.56 -31.23 8.37
CA GLU A 183 0.65 -32.16 9.01
C GLU A 183 0.68 -32.04 10.52
N GLN A 184 1.81 -31.60 11.09
CA GLN A 184 1.89 -31.40 12.53
C GLN A 184 0.88 -30.36 12.99
N ILE A 185 0.71 -29.29 12.21
CA ILE A 185 -0.33 -28.31 12.51
C ILE A 185 -1.70 -28.92 12.37
N ARG A 186 -1.92 -29.72 11.31
CA ARG A 186 -3.24 -30.28 11.07
C ARG A 186 -3.66 -31.29 12.14
N ARG A 187 -2.70 -31.92 12.81
CA ARG A 187 -3.02 -32.90 13.83
C ARG A 187 -3.41 -32.28 15.17
N ILE A 188 -3.26 -30.97 15.34
CA ILE A 188 -3.58 -30.33 16.60
C ILE A 188 -5.09 -30.37 16.83
N MET A 189 -5.50 -30.88 17.98
CA MET A 189 -6.91 -31.04 18.32
C MET A 189 -7.47 -29.80 19.00
N ARG A 190 -8.75 -29.55 18.78
CA ARG A 190 -9.48 -28.44 19.37
C ARG A 190 -10.74 -28.95 20.04
N PRO A 191 -11.21 -28.27 21.10
CA PRO A 191 -10.64 -27.06 21.69
C PRO A 191 -9.34 -27.29 22.44
N THR A 192 -8.49 -26.28 22.49
CA THR A 192 -7.23 -26.35 23.22
C THR A 192 -6.88 -24.97 23.73
N ASP A 193 -6.23 -24.93 24.89
CA ASP A 193 -5.58 -23.71 25.34
C ASP A 193 -4.22 -23.57 24.64
N VAL A 194 -3.59 -22.41 24.85
CA VAL A 194 -2.23 -22.18 24.36
C VAL A 194 -1.26 -22.71 25.41
N PRO A 195 -0.38 -23.64 25.07
CA PRO A 195 0.61 -24.12 26.04
C PRO A 195 1.76 -23.14 26.18
N ASP A 196 2.49 -23.28 27.29
CA ASP A 196 3.67 -22.45 27.50
C ASP A 196 4.89 -22.96 26.75
N GLN A 197 4.75 -24.03 25.96
CA GLN A 197 5.85 -24.53 25.15
C GLN A 197 5.28 -25.40 24.05
N GLY A 198 6.06 -25.57 22.99
CA GLY A 198 5.71 -26.47 21.90
C GLY A 198 5.28 -25.72 20.66
N LEU A 199 4.85 -26.52 19.68
CA LEU A 199 4.52 -26.00 18.35
C LEU A 199 3.44 -24.92 18.41
N LEU A 200 2.31 -25.22 19.06
CA LEU A 200 1.23 -24.25 19.12
CA LEU A 200 1.23 -24.25 19.12
C LEU A 200 1.67 -22.96 19.80
N CYS A 201 2.46 -23.08 20.87
CA CYS A 201 2.98 -21.90 21.55
C CYS A 201 3.82 -21.05 20.61
N ASP A 202 4.76 -21.69 19.90
CA ASP A 202 5.69 -20.96 19.03
C ASP A 202 4.95 -20.26 17.89
N LEU A 203 3.95 -20.92 17.32
CA LEU A 203 3.19 -20.34 16.22
C LEU A 203 2.49 -19.05 16.63
N LEU A 204 2.22 -18.87 17.92
CA LEU A 204 1.54 -17.69 18.42
C LEU A 204 2.47 -16.71 19.14
N TRP A 205 3.73 -17.08 19.41
CA TRP A 205 4.56 -16.30 20.29
C TRP A 205 5.92 -15.91 19.71
N SER A 206 6.45 -16.69 18.78
CA SER A 206 7.84 -16.51 18.36
C SER A 206 8.00 -15.25 17.51
N ASP A 207 9.25 -14.81 17.40
CA ASP A 207 9.60 -13.57 16.70
C ASP A 207 10.82 -13.79 15.82
N PRO A 208 10.89 -13.12 14.68
CA PRO A 208 12.13 -13.12 13.90
C PRO A 208 13.09 -12.08 14.45
N ASP A 209 14.39 -12.40 14.37
CA ASP A 209 15.42 -11.52 14.90
C ASP A 209 16.56 -11.44 13.88
N LYS A 210 16.99 -10.20 13.60
CA LYS A 210 18.10 -10.00 12.67
C LYS A 210 19.43 -10.37 13.29
N ASP A 211 19.54 -10.30 14.62
CA ASP A 211 20.80 -10.51 15.32
C ASP A 211 20.91 -11.90 15.92
N VAL A 212 20.13 -12.85 15.45
CA VAL A 212 20.21 -14.22 15.95
C VAL A 212 20.54 -15.14 14.78
N GLN A 213 21.29 -16.19 15.09
CA GLN A 213 21.61 -17.23 14.12
C GLN A 213 20.97 -18.52 14.62
N GLY A 214 20.05 -19.06 13.84
CA GLY A 214 19.30 -20.22 14.29
C GLY A 214 18.18 -19.80 15.23
N TRP A 215 18.11 -20.45 16.38
CA TRP A 215 17.08 -20.19 17.38
C TRP A 215 17.72 -19.58 18.63
N GLY A 216 17.09 -18.53 19.16
CA GLY A 216 17.57 -17.88 20.36
C GLY A 216 16.44 -17.68 21.38
N GLU A 217 16.82 -17.13 22.52
CA GLU A 217 15.89 -16.88 23.60
C GLU A 217 15.03 -15.65 23.28
N ASN A 218 13.76 -15.72 23.69
CA ASN A 218 12.80 -14.66 23.42
C ASN A 218 12.63 -13.76 24.63
N ASP A 219 12.77 -12.45 24.43
CA ASP A 219 12.64 -11.49 25.52
C ASP A 219 11.26 -11.51 26.16
N ARG A 220 10.26 -12.09 25.49
CA ARG A 220 8.93 -12.19 26.08
C ARG A 220 8.85 -13.22 27.19
N GLY A 221 9.90 -14.01 27.40
CA GLY A 221 9.92 -15.01 28.45
C GLY A 221 9.33 -16.34 28.07
N VAL A 222 8.96 -16.53 26.80
CA VAL A 222 8.44 -17.80 26.31
C VAL A 222 8.82 -17.93 24.85
N SER A 223 8.77 -19.15 24.33
CA SER A 223 9.04 -19.42 22.92
C SER A 223 10.45 -18.97 22.54
N PHE A 224 10.68 -18.67 21.26
CA PHE A 224 12.03 -18.42 20.77
C PHE A 224 12.04 -17.23 19.82
N THR A 225 13.25 -16.86 19.42
CA THR A 225 13.50 -16.03 18.25
C THR A 225 14.14 -16.89 17.17
N PHE A 226 14.00 -16.46 15.91
CA PHE A 226 14.60 -17.20 14.81
C PHE A 226 15.21 -16.22 13.80
N GLY A 227 16.26 -16.68 13.12
CA GLY A 227 17.03 -15.85 12.22
C GLY A 227 16.61 -15.99 10.77
N ALA A 228 17.27 -15.18 9.92
CA ALA A 228 16.92 -15.10 8.52
C ALA A 228 17.16 -16.40 7.78
N GLU A 229 18.15 -17.19 8.21
CA GLU A 229 18.43 -18.45 7.53
C GLU A 229 17.35 -19.49 7.83
N VAL A 230 16.85 -19.51 9.07
CA VAL A 230 15.72 -20.38 9.40
C VAL A 230 14.54 -20.11 8.48
N VAL A 231 14.27 -18.83 8.22
CA VAL A 231 13.18 -18.47 7.30
C VAL A 231 13.47 -18.99 5.90
N ALA A 232 14.68 -18.72 5.40
CA ALA A 232 15.05 -19.16 4.06
C ALA A 232 14.91 -20.67 3.91
N LYS A 233 15.45 -21.42 4.87
CA LYS A 233 15.37 -22.88 4.80
C LYS A 233 13.92 -23.36 4.84
N PHE A 234 13.09 -22.70 5.65
CA PHE A 234 11.69 -23.11 5.78
C PHE A 234 10.94 -22.92 4.46
N LEU A 235 11.12 -21.76 3.81
CA LEU A 235 10.43 -21.51 2.56
C LEU A 235 10.84 -22.52 1.49
N HIS A 236 12.13 -22.87 1.44
CA HIS A 236 12.61 -23.84 0.46
C HIS A 236 12.01 -25.22 0.71
N LYS A 237 11.99 -25.65 1.97
CA LYS A 237 11.55 -27.01 2.27
C LYS A 237 10.07 -27.20 1.91
N HIS A 238 9.26 -26.17 2.09
CA HIS A 238 7.82 -26.27 1.89
C HIS A 238 7.35 -25.59 0.60
N ASP A 239 8.28 -25.14 -0.24
CA ASP A 239 7.95 -24.55 -1.54
C ASP A 239 7.00 -23.36 -1.38
N LEU A 240 7.36 -22.46 -0.47
CA LEU A 240 6.59 -21.25 -0.20
C LEU A 240 7.38 -20.02 -0.63
N ASP A 241 6.67 -18.91 -0.83
CA ASP A 241 7.30 -17.67 -1.25
C ASP A 241 7.41 -16.63 -0.14
N LEU A 242 6.57 -16.71 0.89
CA LEU A 242 6.52 -15.62 1.86
C LEU A 242 5.89 -16.10 3.16
N ILE A 243 6.47 -15.68 4.29
CA ILE A 243 5.88 -15.84 5.59
CA ILE A 243 5.86 -15.84 5.60
C ILE A 243 5.21 -14.52 5.97
N CYS A 244 3.95 -14.58 6.37
CA CYS A 244 3.21 -13.39 6.79
C CYS A 244 2.78 -13.59 8.24
N ARG A 245 3.26 -12.71 9.12
CA ARG A 245 2.95 -12.82 10.53
C ARG A 245 2.67 -11.43 11.10
N ALA A 246 2.43 -11.38 12.41
CA ALA A 246 2.10 -10.13 13.10
C ALA A 246 2.86 -10.03 14.40
N HIS A 247 2.12 -9.83 15.51
CA HIS A 247 2.64 -10.06 16.86
C HIS A 247 3.59 -8.97 17.34
N GLN A 248 4.44 -8.43 16.46
CA GLN A 248 5.42 -7.41 16.84
C GLN A 248 5.02 -6.06 16.29
N VAL A 249 5.08 -5.03 17.15
CA VAL A 249 4.82 -3.67 16.69
CA VAL A 249 4.83 -3.66 16.72
C VAL A 249 5.97 -3.20 15.82
N VAL A 250 5.63 -2.69 14.63
CA VAL A 250 6.61 -2.15 13.71
C VAL A 250 6.18 -0.74 13.33
N GLU A 251 7.15 0.16 13.22
CA GLU A 251 6.85 1.60 13.15
C GLU A 251 6.01 1.95 11.92
N ASP A 252 6.29 1.30 10.80
CA ASP A 252 5.60 1.61 9.55
C ASP A 252 4.31 0.82 9.38
N GLY A 253 3.94 0.00 10.36
CA GLY A 253 2.78 -0.85 10.24
C GLY A 253 3.08 -2.17 9.54
N TYR A 254 4.12 -2.16 8.72
CA TYR A 254 4.61 -3.37 8.08
C TYR A 254 6.13 -3.28 7.97
N GLU A 255 6.78 -4.43 8.05
CA GLU A 255 8.24 -4.48 7.99
C GLU A 255 8.65 -5.82 7.38
N PHE A 256 9.43 -5.78 6.31
CA PHE A 256 9.90 -7.00 5.68
C PHE A 256 11.15 -7.52 6.40
N PHE A 257 11.42 -8.81 6.21
CA PHE A 257 12.51 -9.46 6.92
C PHE A 257 13.11 -10.54 6.03
N ALA A 258 14.43 -10.72 6.15
CA ALA A 258 15.17 -11.78 5.45
C ALA A 258 15.00 -11.66 3.94
N LYS A 259 15.37 -10.49 3.41
CA LYS A 259 15.28 -10.17 1.99
C LYS A 259 13.86 -10.43 1.46
N ARG A 260 12.89 -9.80 2.13
CA ARG A 260 11.48 -9.85 1.75
C ARG A 260 10.92 -11.27 1.74
N GLN A 261 11.51 -12.19 2.49
CA GLN A 261 10.95 -13.52 2.64
C GLN A 261 9.96 -13.63 3.79
N LEU A 262 9.91 -12.65 4.68
CA LEU A 262 8.93 -12.57 5.74
C LEU A 262 8.45 -11.14 5.84
N VAL A 263 7.19 -10.96 6.23
CA VAL A 263 6.64 -9.63 6.48
C VAL A 263 5.90 -9.65 7.80
N THR A 264 6.04 -8.58 8.57
CA THR A 264 5.32 -8.38 9.81
C THR A 264 4.23 -7.35 9.58
N LEU A 265 3.00 -7.68 10.00
CA LEU A 265 1.87 -6.78 9.88
C LEU A 265 1.40 -6.39 11.27
N PHE A 266 1.25 -5.09 11.51
CA PHE A 266 0.69 -4.57 12.75
C PHE A 266 -0.31 -3.50 12.38
N SER A 267 -1.59 -3.74 12.72
CA SER A 267 -2.68 -2.95 12.19
C SER A 267 -3.28 -1.99 13.19
N ALA A 268 -2.70 -1.88 14.39
CA ALA A 268 -3.20 -0.98 15.42
C ALA A 268 -2.29 0.24 15.51
N PRO A 269 -2.67 1.38 14.94
CA PRO A 269 -1.81 2.57 15.01
C PRO A 269 -1.84 3.22 16.39
N ASN A 270 -0.82 4.04 16.64
CA ASN A 270 -0.70 4.81 17.88
C ASN A 270 -0.68 3.88 19.10
N TYR A 271 -0.02 2.74 18.96
CA TYR A 271 -0.04 1.69 19.97
C TYR A 271 1.13 1.79 20.93
N CYS A 272 2.33 2.00 20.39
CA CYS A 272 3.55 1.88 21.17
C CYS A 272 3.83 3.13 22.00
N GLY A 273 4.44 2.93 23.16
CA GLY A 273 4.80 4.04 24.03
C GLY A 273 6.17 4.65 23.76
N GLU A 274 7.06 3.94 23.06
CA GLU A 274 8.37 4.48 22.75
C GLU A 274 8.45 5.13 21.38
N PHE A 275 7.51 4.84 20.48
CA PHE A 275 7.51 5.47 19.16
C PHE A 275 6.11 5.42 18.59
N ASP A 276 5.83 6.36 17.70
CA ASP A 276 4.53 6.46 17.03
C ASP A 276 4.51 5.54 15.82
N ASN A 277 3.75 4.45 15.93
CA ASN A 277 3.65 3.45 14.88
C ASN A 277 2.41 3.66 14.03
N ALA A 278 2.53 3.34 12.75
CA ALA A 278 1.38 3.24 11.87
C ALA A 278 0.76 1.85 11.96
N GLY A 279 -0.46 1.72 11.44
CA GLY A 279 -1.11 0.43 11.27
C GLY A 279 -1.25 0.12 9.79
N ALA A 280 -0.90 -1.11 9.41
CA ALA A 280 -0.91 -1.49 8.01
C ALA A 280 -1.76 -2.72 7.76
N MET A 281 -2.42 -2.73 6.61
CA MET A 281 -3.18 -3.87 6.10
C MET A 281 -2.61 -4.24 4.74
N MET A 282 -2.34 -5.52 4.53
CA MET A 282 -1.66 -5.96 3.31
C MET A 282 -2.70 -6.46 2.31
N SER A 283 -2.71 -5.85 1.13
CA SER A 283 -3.59 -6.26 0.06
CA SER A 283 -3.59 -6.27 0.05
C SER A 283 -2.83 -7.26 -0.82
N VAL A 284 -3.40 -8.44 -0.99
CA VAL A 284 -2.83 -9.49 -1.82
C VAL A 284 -3.73 -9.65 -3.03
N ASP A 285 -3.21 -9.35 -4.22
CA ASP A 285 -4.07 -9.37 -5.39
C ASP A 285 -4.10 -10.78 -5.98
N GLU A 286 -4.85 -10.95 -7.08
CA GLU A 286 -5.09 -12.27 -7.67
C GLU A 286 -3.81 -13.06 -7.89
N THR A 287 -2.70 -12.39 -8.22
CA THR A 287 -1.44 -13.05 -8.51
C THR A 287 -0.48 -13.03 -7.33
N LEU A 288 -0.99 -12.78 -6.13
CA LEU A 288 -0.22 -12.73 -4.89
C LEU A 288 0.75 -11.57 -4.81
N MET A 289 0.53 -10.50 -5.57
CA MET A 289 1.33 -9.29 -5.42
C MET A 289 0.83 -8.50 -4.22
N CYS A 290 1.75 -8.00 -3.41
CA CYS A 290 1.42 -7.41 -2.12
C CYS A 290 1.56 -5.91 -2.16
N SER A 291 0.52 -5.21 -1.69
CA SER A 291 0.52 -3.77 -1.50
C SER A 291 -0.04 -3.49 -0.11
N PHE A 292 -0.06 -2.22 0.27
CA PHE A 292 -0.40 -1.90 1.65
C PHE A 292 -1.36 -0.72 1.73
N GLN A 293 -2.31 -0.82 2.67
CA GLN A 293 -3.16 0.28 3.08
C GLN A 293 -2.85 0.56 4.55
N ILE A 294 -2.59 1.82 4.86
CA ILE A 294 -1.87 2.18 6.07
C ILE A 294 -2.63 3.25 6.83
N LEU A 295 -2.79 3.04 8.15
CA LEU A 295 -3.30 4.06 9.06
C LEU A 295 -2.09 4.80 9.63
N LYS A 296 -1.83 6.00 9.10
CA LYS A 296 -0.68 6.75 9.59
C LYS A 296 -0.91 7.19 11.04
N PRO A 297 0.16 7.35 11.81
CA PRO A 297 -0.02 7.81 13.19
C PRO A 297 -0.59 9.22 13.24
N ALA A 298 -1.31 9.51 14.31
CA ALA A 298 -2.00 10.80 14.46
C ALA A 298 -1.00 11.95 14.55
N LEU B 6 12.99 0.01 -36.47
CA LEU B 6 13.15 0.19 -35.02
C LEU B 6 13.08 -1.15 -34.30
N ASN B 7 14.22 -1.61 -33.76
CA ASN B 7 14.22 -2.87 -33.01
C ASN B 7 13.89 -2.54 -31.56
N LEU B 8 12.59 -2.47 -31.30
CA LEU B 8 12.10 -2.11 -29.97
C LEU B 8 12.51 -3.13 -28.92
N ASP B 9 12.37 -4.43 -29.23
CA ASP B 9 12.64 -5.46 -28.24
C ASP B 9 14.11 -5.51 -27.87
N SER B 10 15.00 -5.28 -28.84
CA SER B 10 16.43 -5.21 -28.52
C SER B 10 16.72 -4.01 -27.63
N ILE B 11 16.05 -2.88 -27.90
CA ILE B 11 16.22 -1.69 -27.07
C ILE B 11 15.80 -1.98 -25.63
N ILE B 12 14.62 -2.58 -25.46
CA ILE B 12 14.13 -2.87 -24.12
C ILE B 12 15.04 -3.86 -23.41
N GLY B 13 15.51 -4.87 -24.15
CA GLY B 13 16.41 -5.85 -23.54
C GLY B 13 17.68 -5.21 -23.02
N ARG B 14 18.29 -4.32 -23.82
CA ARG B 14 19.51 -3.65 -23.38
C ARG B 14 19.25 -2.74 -22.18
N LEU B 15 18.08 -2.09 -22.14
CA LEU B 15 17.76 -1.24 -21.00
C LEU B 15 17.55 -2.06 -19.73
N LEU B 16 16.97 -3.25 -19.86
CA LEU B 16 16.74 -4.10 -18.70
C LEU B 16 17.97 -4.89 -18.26
N GLU B 17 19.02 -4.95 -19.10
CA GLU B 17 20.16 -5.80 -18.81
C GLU B 17 20.90 -5.38 -17.54
N VAL B 18 20.87 -4.08 -17.21
CA VAL B 18 21.65 -3.59 -16.07
C VAL B 18 20.96 -3.78 -14.74
N GLN B 19 19.76 -4.38 -14.71
CA GLN B 19 19.10 -4.64 -13.44
C GLN B 19 19.98 -5.50 -12.55
N GLY B 20 20.16 -5.07 -11.31
CA GLY B 20 21.03 -5.74 -10.37
C GLY B 20 22.50 -5.39 -10.48
N SER B 21 22.88 -4.52 -11.42
CA SER B 21 24.26 -4.06 -11.47
C SER B 21 24.46 -2.95 -10.44
N ARG B 22 25.69 -2.47 -10.32
CA ARG B 22 25.96 -1.34 -9.46
C ARG B 22 25.08 -0.16 -9.88
N PRO B 23 24.35 0.48 -8.94
CA PRO B 23 23.55 1.66 -9.31
C PRO B 23 24.39 2.75 -9.95
N GLY B 24 24.24 2.93 -11.26
CA GLY B 24 25.00 3.95 -11.97
C GLY B 24 25.44 3.52 -13.35
N LYS B 25 25.37 2.22 -13.63
CA LYS B 25 25.77 1.69 -14.93
C LYS B 25 24.83 2.21 -16.02
N ASN B 26 25.42 2.81 -17.04
CA ASN B 26 24.65 3.42 -18.11
C ASN B 26 24.15 2.39 -19.11
N VAL B 27 23.05 2.72 -19.78
CA VAL B 27 22.63 2.06 -21.02
C VAL B 27 22.68 3.12 -22.10
N GLN B 28 23.55 2.91 -23.09
CA GLN B 28 23.80 3.90 -24.15
C GLN B 28 23.22 3.35 -25.44
N LEU B 29 21.97 3.73 -25.71
CA LEU B 29 21.36 3.42 -27.00
C LEU B 29 22.01 4.27 -28.09
N THR B 30 21.76 3.90 -29.35
CA THR B 30 22.22 4.71 -30.46
C THR B 30 21.27 5.90 -30.63
N GLU B 31 21.79 6.98 -31.22
CA GLU B 31 20.95 8.15 -31.42
C GLU B 31 19.81 7.87 -32.37
N ASN B 32 20.02 7.02 -33.39
CA ASN B 32 18.92 6.64 -34.26
C ASN B 32 17.87 5.84 -33.52
N GLU B 33 18.29 4.99 -32.58
CA GLU B 33 17.32 4.27 -31.75
C GLU B 33 16.49 5.24 -30.92
N ILE B 34 17.16 6.23 -30.32
CA ILE B 34 16.44 7.22 -29.52
C ILE B 34 15.56 8.09 -30.41
N ARG B 35 16.08 8.48 -31.57
CA ARG B 35 15.26 9.17 -32.57
CA ARG B 35 15.26 9.17 -32.57
C ARG B 35 13.99 8.38 -32.87
N GLY B 36 14.12 7.07 -33.07
CA GLY B 36 12.97 6.23 -33.34
C GLY B 36 12.01 6.17 -32.17
N LEU B 37 12.55 6.06 -30.95
CA LEU B 37 11.70 6.06 -29.76
C LEU B 37 10.88 7.34 -29.67
N CYS B 38 11.50 8.49 -29.94
CA CYS B 38 10.78 9.76 -29.86
C CYS B 38 9.72 9.87 -30.95
N LEU B 39 10.09 9.56 -32.20
CA LEU B 39 9.16 9.77 -33.31
C LEU B 39 7.98 8.81 -33.25
N LYS B 40 8.23 7.54 -32.90
CA LYS B 40 7.14 6.56 -32.84
C LYS B 40 6.22 6.85 -31.66
N SER B 41 6.78 7.19 -30.50
CA SER B 41 5.93 7.50 -29.34
C SER B 41 5.18 8.81 -29.55
N ARG B 42 5.82 9.79 -30.21
N ARG B 42 5.81 9.79 -30.21
CA ARG B 42 5.14 11.04 -30.53
CA ARG B 42 5.13 11.04 -30.51
C ARG B 42 3.90 10.80 -31.37
C ARG B 42 3.89 10.79 -31.37
N GLU B 43 3.99 9.89 -32.36
CA GLU B 43 2.83 9.55 -33.18
C GLU B 43 1.73 8.93 -32.33
N ILE B 44 2.09 8.06 -31.39
CA ILE B 44 1.09 7.43 -30.55
C ILE B 44 0.42 8.46 -29.64
N PHE B 45 1.22 9.36 -29.04
CA PHE B 45 0.66 10.40 -28.19
C PHE B 45 -0.39 11.22 -28.94
N LEU B 46 -0.06 11.61 -30.18
CA LEU B 46 -0.98 12.43 -30.96
C LEU B 46 -2.22 11.65 -31.40
N SER B 47 -2.10 10.33 -31.61
CA SER B 47 -3.25 9.54 -32.03
C SER B 47 -4.20 9.22 -30.88
N GLN B 48 -3.77 9.40 -29.64
CA GLN B 48 -4.59 9.16 -28.46
C GLN B 48 -5.01 10.48 -27.82
N PRO B 49 -6.11 10.49 -27.05
CA PRO B 49 -6.61 11.75 -26.51
C PRO B 49 -5.60 12.44 -25.60
N ILE B 50 -5.70 13.78 -25.55
CA ILE B 50 -4.88 14.54 -24.61
C ILE B 50 -5.38 14.35 -23.18
N LEU B 51 -6.66 14.05 -23.03
CA LEU B 51 -7.25 13.69 -21.74
C LEU B 51 -7.59 12.20 -21.85
N LEU B 52 -6.74 11.37 -21.25
CA LEU B 52 -6.89 9.92 -21.38
C LEU B 52 -8.05 9.42 -20.54
N GLU B 53 -8.77 8.45 -21.05
CA GLU B 53 -9.83 7.77 -20.31
C GLU B 53 -9.38 6.32 -20.10
N LEU B 54 -8.99 6.00 -18.87
CA LEU B 54 -8.34 4.74 -18.55
C LEU B 54 -9.22 3.89 -17.66
N GLU B 55 -8.93 2.60 -17.62
CA GLU B 55 -9.68 1.66 -16.81
C GLU B 55 -8.76 0.96 -15.83
N ALA B 56 -9.26 0.76 -14.62
CA ALA B 56 -8.58 -0.01 -13.59
C ALA B 56 -8.83 -1.50 -13.79
N PRO B 57 -8.01 -2.38 -13.18
CA PRO B 57 -6.87 -2.05 -12.32
C PRO B 57 -5.63 -1.61 -13.08
N LEU B 58 -4.84 -0.77 -12.42
CA LEU B 58 -3.59 -0.27 -12.97
C LEU B 58 -2.77 0.27 -11.79
N LYS B 59 -1.50 0.54 -12.06
CA LYS B 59 -0.64 1.17 -11.08
C LYS B 59 -0.27 2.57 -11.55
N ILE B 60 -0.19 3.51 -10.62
CA ILE B 60 0.06 4.91 -10.92
C ILE B 60 1.34 5.33 -10.22
N CYS B 61 2.20 6.04 -10.94
CA CYS B 61 3.51 6.43 -10.44
CA CYS B 61 3.51 6.42 -10.47
C CYS B 61 3.68 7.94 -10.51
N GLY B 62 4.28 8.50 -9.48
CA GLY B 62 4.64 9.90 -9.44
C GLY B 62 6.05 10.11 -9.98
N ASP B 63 6.70 11.16 -9.49
CA ASP B 63 7.96 11.62 -10.05
C ASP B 63 9.03 10.54 -10.06
N ILE B 64 9.79 10.47 -11.15
CA ILE B 64 10.93 9.59 -11.27
C ILE B 64 12.25 10.36 -11.24
N LYS B 65 12.26 11.53 -11.86
CA LYS B 65 13.39 12.47 -11.80
C LYS B 65 14.72 11.79 -12.15
N GLY B 66 14.72 11.04 -13.24
CA GLY B 66 15.94 10.45 -13.75
C GLY B 66 16.57 9.40 -12.87
N GLN B 67 15.86 8.90 -11.85
CA GLN B 67 16.39 7.85 -10.98
C GLN B 67 16.05 6.51 -11.60
N TYR B 68 16.86 6.12 -12.59
CA TYR B 68 16.57 4.94 -13.41
C TYR B 68 16.54 3.67 -12.58
N TYR B 69 17.50 3.50 -11.66
CA TYR B 69 17.53 2.25 -10.90
C TYR B 69 16.38 2.16 -9.91
N ASP B 70 15.82 3.29 -9.49
CA ASP B 70 14.58 3.26 -8.72
C ASP B 70 13.38 2.97 -9.61
N LEU B 71 13.39 3.46 -10.86
CA LEU B 71 12.36 3.03 -11.80
C LEU B 71 12.38 1.53 -11.97
N LEU B 72 13.58 0.93 -12.07
CA LEU B 72 13.67 -0.52 -12.18
C LEU B 72 13.15 -1.19 -10.92
N ARG B 73 13.37 -0.60 -9.75
CA ARG B 73 12.84 -1.17 -8.52
C ARG B 73 11.31 -1.11 -8.51
N LEU B 74 10.75 -0.01 -9.01
CA LEU B 74 9.29 0.11 -9.06
C LEU B 74 8.69 -0.96 -9.95
N PHE B 75 9.31 -1.20 -11.11
CA PHE B 75 8.83 -2.26 -11.99
C PHE B 75 9.01 -3.64 -11.37
N GLU B 76 10.07 -3.85 -10.58
CA GLU B 76 10.24 -5.12 -9.91
C GLU B 76 9.17 -5.34 -8.85
N TYR B 77 8.74 -4.28 -8.17
CA TYR B 77 7.68 -4.41 -7.18
C TYR B 77 6.32 -4.60 -7.83
N GLY B 78 6.01 -3.80 -8.85
CA GLY B 78 4.69 -3.84 -9.44
C GLY B 78 4.54 -4.74 -10.64
N GLY B 79 5.64 -5.26 -11.16
CA GLY B 79 5.62 -6.08 -12.35
C GLY B 79 6.04 -5.32 -13.58
N PHE B 80 7.08 -5.80 -14.26
CA PHE B 80 7.48 -5.19 -15.51
C PHE B 80 6.38 -5.37 -16.55
N PRO B 81 6.07 -4.36 -17.35
CA PRO B 81 5.09 -4.54 -18.42
C PRO B 81 5.48 -5.72 -19.29
N PRO B 82 4.51 -6.53 -19.74
CA PRO B 82 3.07 -6.26 -19.58
C PRO B 82 2.38 -6.89 -18.37
N GLU B 83 3.13 -7.27 -17.33
CA GLU B 83 2.52 -7.86 -16.14
C GLU B 83 1.59 -6.91 -15.41
N SER B 84 1.61 -5.61 -15.73
CA SER B 84 0.74 -4.66 -15.07
C SER B 84 0.50 -3.48 -16.01
N ASN B 85 -0.67 -2.88 -15.88
CA ASN B 85 -0.95 -1.63 -16.56
C ASN B 85 -0.38 -0.48 -15.72
N TYR B 86 0.09 0.55 -16.41
CA TYR B 86 0.77 1.64 -15.74
C TYR B 86 0.29 2.99 -16.24
N LEU B 87 0.15 3.94 -15.31
CA LEU B 87 0.01 5.35 -15.62
C LEU B 87 1.08 6.11 -14.85
N PHE B 88 1.93 6.83 -15.58
CA PHE B 88 2.93 7.70 -14.99
C PHE B 88 2.45 9.15 -15.09
N LEU B 89 2.75 9.93 -14.06
CA LEU B 89 2.21 11.28 -13.92
C LEU B 89 3.20 12.37 -14.30
N GLY B 90 4.32 12.02 -14.92
CA GLY B 90 5.24 13.01 -15.45
C GLY B 90 6.51 13.12 -14.61
N ASP B 91 7.34 14.08 -15.03
CA ASP B 91 8.63 14.36 -14.39
C ASP B 91 9.53 13.13 -14.41
N TYR B 92 9.85 12.71 -15.63
CA TYR B 92 10.75 11.58 -15.85
C TYR B 92 12.21 12.00 -15.91
N VAL B 93 12.51 13.23 -16.29
CA VAL B 93 13.88 13.68 -16.51
C VAL B 93 14.24 14.81 -15.54
N ASP B 94 15.52 15.23 -15.59
CA ASP B 94 16.13 16.24 -14.73
C ASP B 94 16.46 15.68 -13.35
N ARG B 95 17.42 16.34 -12.67
CA ARG B 95 17.85 16.03 -11.30
C ARG B 95 18.65 14.75 -11.20
N GLY B 96 18.10 13.63 -11.65
CA GLY B 96 18.76 12.35 -11.48
C GLY B 96 19.96 12.17 -12.39
N LYS B 97 20.67 11.08 -12.18
CA LYS B 97 21.89 10.78 -12.94
C LYS B 97 21.62 10.08 -14.25
N GLN B 98 20.42 9.53 -14.45
CA GLN B 98 20.14 8.69 -15.61
C GLN B 98 18.77 9.03 -16.20
N SER B 99 18.56 10.29 -16.53
CA SER B 99 17.32 10.70 -17.17
C SER B 99 17.16 10.01 -18.52
N LEU B 100 18.26 9.79 -19.24
CA LEU B 100 18.17 9.22 -20.58
C LEU B 100 17.63 7.79 -20.53
N GLU B 101 18.20 6.95 -19.67
CA GLU B 101 17.69 5.59 -19.52
C GLU B 101 16.24 5.60 -19.05
N THR B 102 15.90 6.52 -18.15
CA THR B 102 14.53 6.60 -17.63
C THR B 102 13.53 6.87 -18.73
N ILE B 103 13.71 7.96 -19.48
CA ILE B 103 12.72 8.31 -20.50
C ILE B 103 12.71 7.28 -21.62
N CYS B 104 13.88 6.70 -21.95
CA CYS B 104 13.93 5.77 -23.07
C CYS B 104 13.17 4.48 -22.75
N LEU B 105 13.30 3.98 -21.53
CA LEU B 105 12.53 2.79 -21.16
C LEU B 105 11.03 3.09 -21.15
N LEU B 106 10.64 4.28 -20.68
CA LEU B 106 9.23 4.63 -20.65
C LEU B 106 8.68 4.80 -22.07
N LEU B 107 9.42 5.46 -22.95
CA LEU B 107 8.94 5.60 -24.33
C LEU B 107 8.88 4.24 -25.02
N ALA B 108 9.86 3.36 -24.77
CA ALA B 108 9.85 2.04 -25.37
C ALA B 108 8.62 1.24 -24.92
N TYR B 109 8.28 1.32 -23.64
CA TYR B 109 7.10 0.62 -23.16
C TYR B 109 5.81 1.22 -23.71
N LYS B 110 5.78 2.54 -23.91
CA LYS B 110 4.63 3.16 -24.55
C LYS B 110 4.45 2.64 -25.97
N ILE B 111 5.55 2.46 -26.70
CA ILE B 111 5.45 1.96 -28.07
C ILE B 111 5.08 0.48 -28.06
N LYS B 112 5.63 -0.29 -27.13
CA LYS B 112 5.40 -1.74 -27.10
C LYS B 112 3.98 -2.07 -26.67
N TYR B 113 3.45 -1.36 -25.67
CA TYR B 113 2.12 -1.62 -25.11
C TYR B 113 1.32 -0.32 -25.08
N PRO B 114 0.94 0.19 -26.25
CA PRO B 114 0.34 1.54 -26.30
C PRO B 114 -1.05 1.62 -25.68
N GLU B 115 -1.74 0.50 -25.48
CA GLU B 115 -3.07 0.50 -24.87
C GLU B 115 -3.04 0.06 -23.41
N ASN B 116 -1.85 -0.21 -22.86
CA ASN B 116 -1.73 -0.69 -21.49
C ASN B 116 -0.67 0.06 -20.70
N PHE B 117 -0.13 1.14 -21.27
CA PHE B 117 0.99 1.87 -20.67
C PHE B 117 0.81 3.33 -21.06
N PHE B 118 0.81 4.22 -20.08
CA PHE B 118 0.44 5.60 -20.33
C PHE B 118 1.35 6.55 -19.56
N LEU B 119 1.72 7.66 -20.21
CA LEU B 119 2.63 8.66 -19.65
C LEU B 119 1.97 10.02 -19.77
N LEU B 120 1.84 10.73 -18.65
CA LEU B 120 1.40 12.11 -18.68
C LEU B 120 2.60 13.06 -18.69
N ARG B 121 2.32 14.31 -19.04
CA ARG B 121 3.34 15.35 -19.05
C ARG B 121 3.50 15.96 -17.66
N GLY B 122 4.75 16.06 -17.21
CA GLY B 122 5.08 16.83 -16.03
C GLY B 122 5.67 18.18 -16.42
N ASN B 123 5.87 19.03 -15.41
CA ASN B 123 6.44 20.35 -15.69
C ASN B 123 7.92 20.27 -16.08
N HIS B 124 8.58 19.13 -15.88
CA HIS B 124 9.94 18.96 -16.34
C HIS B 124 10.04 18.42 -17.75
N GLU B 125 8.92 17.95 -18.32
CA GLU B 125 8.86 17.62 -19.75
C GLU B 125 8.63 18.92 -20.51
N CYS B 126 9.66 19.78 -20.43
CA CYS B 126 9.57 21.17 -20.84
C CYS B 126 10.97 21.68 -21.10
N ALA B 127 11.19 22.25 -22.29
CA ALA B 127 12.54 22.55 -22.76
C ALA B 127 13.27 23.52 -21.84
N SER B 128 12.61 24.61 -21.44
CA SER B 128 13.30 25.62 -20.65
C SER B 128 13.66 25.10 -19.25
N ILE B 129 12.86 24.18 -18.71
CA ILE B 129 13.22 23.57 -17.43
C ILE B 129 14.40 22.62 -17.60
N ASN B 130 14.42 21.88 -18.71
CA ASN B 130 15.54 20.97 -18.98
C ASN B 130 16.88 21.68 -18.95
N ARG B 131 16.92 22.91 -19.48
CA ARG B 131 18.19 23.65 -19.56
C ARG B 131 18.79 23.89 -18.20
N ILE B 132 17.96 24.00 -17.16
CA ILE B 132 18.42 24.33 -15.82
C ILE B 132 18.68 23.09 -14.99
N TYR B 133 17.82 22.08 -15.07
CA TYR B 133 17.75 21.04 -14.04
C TYR B 133 18.36 19.71 -14.46
N GLY B 134 19.02 19.63 -15.61
CA GLY B 134 19.88 18.50 -15.87
C GLY B 134 19.77 17.78 -17.22
N PHE B 135 18.56 17.64 -17.75
CA PHE B 135 18.37 16.79 -18.92
C PHE B 135 19.08 17.35 -20.14
N TYR B 136 19.10 18.67 -20.28
CA TYR B 136 19.79 19.29 -21.40
C TYR B 136 21.28 18.94 -21.39
N ASP B 137 21.92 19.10 -20.23
CA ASP B 137 23.34 18.78 -20.12
C ASP B 137 23.59 17.29 -20.33
N GLU B 138 22.66 16.44 -19.87
CA GLU B 138 22.80 14.99 -20.08
C GLU B 138 22.82 14.66 -21.56
N CYS B 139 21.89 15.25 -22.33
CA CYS B 139 21.85 15.03 -23.76
C CYS B 139 23.10 15.59 -24.44
N LYS B 140 23.53 16.78 -24.03
CA LYS B 140 24.71 17.40 -24.64
C LYS B 140 25.96 16.54 -24.43
N ARG B 141 26.12 15.98 -23.23
CA ARG B 141 27.30 15.18 -22.93
C ARG B 141 27.24 13.81 -23.59
N ARG B 142 26.09 13.12 -23.50
CA ARG B 142 26.04 11.74 -23.96
C ARG B 142 25.59 11.60 -25.40
N TYR B 143 24.97 12.62 -25.97
CA TYR B 143 24.57 12.56 -27.37
C TYR B 143 24.89 13.89 -28.05
N ASN B 144 23.86 14.64 -28.40
CA ASN B 144 24.05 15.99 -28.94
C ASN B 144 22.79 16.79 -28.65
N ILE B 145 22.89 18.10 -28.89
CA ILE B 145 21.79 18.98 -28.55
C ILE B 145 20.60 18.77 -29.47
N LYS B 146 20.85 18.35 -30.72
CA LYS B 146 19.76 18.02 -31.62
C LYS B 146 18.87 16.93 -31.04
N LEU B 147 19.48 15.91 -30.43
CA LEU B 147 18.69 14.84 -29.83
C LEU B 147 17.84 15.36 -28.69
N TRP B 148 18.33 16.35 -27.94
CA TRP B 148 17.52 16.95 -26.89
C TRP B 148 16.29 17.63 -27.47
N LYS B 149 16.46 18.34 -28.59
CA LYS B 149 15.31 18.93 -29.28
C LYS B 149 14.33 17.84 -29.72
N THR B 150 14.85 16.71 -30.20
CA THR B 150 14.00 15.57 -30.56
C THR B 150 13.17 15.10 -29.36
N PHE B 151 13.79 15.04 -28.18
CA PHE B 151 13.04 14.72 -26.97
C PHE B 151 11.97 15.78 -26.67
N THR B 152 12.33 17.05 -26.85
N THR B 152 12.30 17.06 -26.87
CA THR B 152 11.40 18.14 -26.57
CA THR B 152 11.32 18.09 -26.51
C THR B 152 10.19 18.09 -27.49
C THR B 152 10.16 18.15 -27.50
N ASP B 153 10.41 17.82 -28.77
CA ASP B 153 9.29 17.66 -29.71
C ASP B 153 8.38 16.53 -29.27
N CYS B 154 8.96 15.48 -28.69
CA CYS B 154 8.17 14.38 -28.16
C CYS B 154 7.44 14.81 -26.90
N PHE B 155 8.14 15.52 -26.01
CA PHE B 155 7.50 16.03 -24.78
C PHE B 155 6.32 16.92 -25.11
N ASN B 156 6.41 17.70 -26.20
CA ASN B 156 5.35 18.64 -26.55
C ASN B 156 4.07 17.96 -26.97
N CYS B 157 4.09 16.65 -27.20
CA CYS B 157 2.90 15.92 -27.61
C CYS B 157 2.34 15.03 -26.51
N LEU B 158 2.91 15.04 -25.31
CA LEU B 158 2.43 14.20 -24.23
C LEU B 158 1.01 14.61 -23.83
N PRO B 159 0.17 13.65 -23.43
CA PRO B 159 -1.13 14.01 -22.85
C PRO B 159 -0.97 14.68 -21.50
N ILE B 160 -2.00 15.41 -21.11
CA ILE B 160 -1.93 16.28 -19.95
C ILE B 160 -2.70 15.74 -18.73
N ALA B 161 -3.75 14.95 -18.93
CA ALA B 161 -4.51 14.45 -17.80
C ALA B 161 -5.12 13.10 -18.16
N ALA B 162 -5.64 12.43 -17.13
CA ALA B 162 -6.31 11.14 -17.33
C ALA B 162 -7.40 10.99 -16.28
N ILE B 163 -8.47 10.29 -16.66
CA ILE B 163 -9.56 9.97 -15.76
C ILE B 163 -9.73 8.45 -15.77
N VAL B 164 -9.60 7.85 -14.59
CA VAL B 164 -9.69 6.40 -14.46
C VAL B 164 -11.12 6.03 -14.10
N ASP B 165 -11.78 5.29 -14.99
CA ASP B 165 -13.14 4.80 -14.78
C ASP B 165 -14.07 5.91 -14.31
N GLU B 166 -13.90 7.09 -14.91
CA GLU B 166 -14.75 8.26 -14.70
C GLU B 166 -14.77 8.74 -13.26
N LYS B 167 -13.77 8.38 -12.45
CA LYS B 167 -13.83 8.66 -11.02
C LYS B 167 -12.55 9.28 -10.46
N ILE B 168 -11.40 8.97 -11.06
CA ILE B 168 -10.11 9.43 -10.54
C ILE B 168 -9.50 10.36 -11.58
N PHE B 169 -9.38 11.64 -11.24
CA PHE B 169 -8.77 12.63 -12.12
C PHE B 169 -7.28 12.72 -11.82
N CYS B 170 -6.46 12.52 -12.84
CA CYS B 170 -5.01 12.43 -12.70
C CYS B 170 -4.34 13.50 -13.55
N CYS B 171 -3.41 14.23 -12.93
CA CYS B 171 -2.55 15.17 -13.64
C CYS B 171 -1.28 15.34 -12.81
N HIS B 172 -0.28 16.01 -13.37
CA HIS B 172 0.98 16.11 -12.66
C HIS B 172 0.89 17.09 -11.49
N GLY B 173 0.47 18.31 -11.76
CA GLY B 173 0.45 19.34 -10.74
C GLY B 173 -0.84 19.35 -9.94
N GLY B 174 -1.90 19.93 -10.49
CA GLY B 174 -3.17 19.99 -9.80
C GLY B 174 -4.23 20.78 -10.53
N LEU B 175 -5.14 21.39 -9.78
CA LEU B 175 -6.30 22.06 -10.36
C LEU B 175 -5.94 23.47 -10.85
N SER B 176 -6.87 24.06 -11.59
CA SER B 176 -6.71 25.36 -12.21
C SER B 176 -7.97 26.20 -11.97
N PRO B 177 -7.82 27.49 -11.68
CA PRO B 177 -9.00 28.36 -11.61
C PRO B 177 -9.67 28.57 -12.96
N ASP B 178 -9.02 28.21 -14.07
CA ASP B 178 -9.62 28.26 -15.39
C ASP B 178 -10.23 26.94 -15.82
N LEU B 179 -10.20 25.92 -14.96
CA LEU B 179 -10.72 24.60 -15.32
C LEU B 179 -12.17 24.53 -14.86
N GLN B 180 -13.10 24.74 -15.80
CA GLN B 180 -14.52 24.61 -15.53
C GLN B 180 -15.14 23.40 -16.19
N SER B 181 -14.61 22.99 -17.35
CA SER B 181 -15.12 21.84 -18.09
C SER B 181 -13.95 21.02 -18.62
N MET B 182 -14.10 19.70 -18.63
CA MET B 182 -13.07 18.83 -19.17
C MET B 182 -12.82 19.08 -20.66
N GLU B 183 -13.79 19.63 -21.38
CA GLU B 183 -13.57 19.94 -22.79
C GLU B 183 -12.46 20.98 -22.96
N GLN B 184 -12.25 21.83 -21.96
CA GLN B 184 -11.15 22.79 -22.03
C GLN B 184 -9.80 22.09 -22.15
N ILE B 185 -9.63 20.99 -21.42
CA ILE B 185 -8.42 20.18 -21.59
C ILE B 185 -8.39 19.56 -22.99
N ARG B 186 -9.53 19.04 -23.45
CA ARG B 186 -9.57 18.36 -24.74
C ARG B 186 -9.32 19.32 -25.90
N ARG B 187 -9.61 20.60 -25.72
CA ARG B 187 -9.41 21.58 -26.78
C ARG B 187 -7.95 22.01 -26.92
N ILE B 188 -7.08 21.61 -25.99
CA ILE B 188 -5.67 21.99 -26.07
C ILE B 188 -5.03 21.28 -27.25
N MET B 189 -4.40 22.05 -28.13
CA MET B 189 -3.81 21.49 -29.34
C MET B 189 -2.36 21.09 -29.08
N ARG B 190 -1.91 20.06 -29.78
CA ARG B 190 -0.55 19.56 -29.67
C ARG B 190 0.08 19.47 -31.05
N PRO B 191 1.41 19.66 -31.17
CA PRO B 191 2.38 19.94 -30.10
C PRO B 191 2.26 21.35 -29.52
N THR B 192 2.64 21.49 -28.25
CA THR B 192 2.59 22.78 -27.57
C THR B 192 3.70 22.85 -26.55
N ASP B 193 4.21 24.07 -26.34
CA ASP B 193 5.07 24.32 -25.20
C ASP B 193 4.22 24.47 -23.94
N VAL B 194 4.90 24.50 -22.79
CA VAL B 194 4.25 24.78 -21.51
C VAL B 194 4.27 26.29 -21.31
N PRO B 195 3.12 26.94 -21.13
CA PRO B 195 3.13 28.38 -20.85
C PRO B 195 3.45 28.65 -19.39
N ASP B 196 3.87 29.89 -19.12
CA ASP B 196 4.09 30.29 -17.73
C ASP B 196 2.80 30.69 -17.03
N GLN B 197 1.65 30.58 -17.70
CA GLN B 197 0.37 30.88 -17.07
C GLN B 197 -0.74 30.22 -17.88
N GLY B 198 -1.86 30.00 -17.21
CA GLY B 198 -3.03 29.46 -17.87
C GLY B 198 -3.29 28.01 -17.47
N LEU B 199 -4.30 27.44 -18.12
CA LEU B 199 -4.79 26.11 -17.77
C LEU B 199 -3.67 25.07 -17.85
N LEU B 200 -3.03 24.97 -19.02
CA LEU B 200 -1.99 23.96 -19.20
C LEU B 200 -0.86 24.12 -18.19
N CYS B 201 -0.54 25.37 -17.85
CA CYS B 201 0.49 25.61 -16.83
C CYS B 201 0.04 25.07 -15.47
N ASP B 202 -1.18 25.40 -15.07
CA ASP B 202 -1.65 25.02 -13.74
C ASP B 202 -1.72 23.51 -13.58
N LEU B 203 -2.17 22.81 -14.63
CA LEU B 203 -2.28 21.36 -14.55
C LEU B 203 -0.93 20.69 -14.31
N LEU B 204 0.16 21.37 -14.65
CA LEU B 204 1.50 20.82 -14.49
C LEU B 204 2.27 21.42 -13.31
N TRP B 205 1.76 22.48 -12.69
CA TRP B 205 2.57 23.23 -11.73
C TRP B 205 1.90 23.43 -10.37
N SER B 206 0.57 23.43 -10.31
CA SER B 206 -0.10 23.89 -9.10
C SER B 206 0.03 22.86 -7.97
N ASP B 207 -0.23 23.34 -6.75
CA ASP B 207 -0.03 22.56 -5.53
C ASP B 207 -1.23 22.73 -4.61
N PRO B 208 -1.58 21.69 -3.86
CA PRO B 208 -2.56 21.86 -2.78
C PRO B 208 -1.87 22.39 -1.52
N ASP B 209 -2.62 23.18 -0.75
CA ASP B 209 -2.09 23.77 0.46
C ASP B 209 -3.13 23.65 1.57
N LYS B 210 -2.69 23.17 2.73
CA LYS B 210 -3.59 23.03 3.87
C LYS B 210 -3.92 24.38 4.50
N ASP B 211 -3.02 25.35 4.38
CA ASP B 211 -3.16 26.64 5.04
C ASP B 211 -3.66 27.74 4.11
N VAL B 212 -4.29 27.37 3.00
CA VAL B 212 -4.86 28.36 2.09
C VAL B 212 -6.36 28.09 1.95
N GLN B 213 -7.11 29.16 1.77
CA GLN B 213 -8.55 29.10 1.52
C GLN B 213 -8.80 29.62 0.11
N GLY B 214 -9.33 28.76 -0.74
CA GLY B 214 -9.50 29.12 -2.14
C GLY B 214 -8.19 28.95 -2.89
N TRP B 215 -7.80 29.99 -3.65
CA TRP B 215 -6.59 29.98 -4.45
C TRP B 215 -5.59 30.98 -3.90
N GLY B 216 -4.33 30.57 -3.81
CA GLY B 216 -3.25 31.43 -3.38
C GLY B 216 -2.07 31.36 -4.34
N GLU B 217 -1.07 32.19 -4.05
CA GLU B 217 0.14 32.25 -4.87
C GLU B 217 1.02 31.05 -4.57
N ASN B 218 1.71 30.57 -5.60
CA ASN B 218 2.55 29.38 -5.49
C ASN B 218 4.00 29.77 -5.32
N ASP B 219 4.65 29.22 -4.29
CA ASP B 219 6.04 29.56 -3.99
C ASP B 219 7.01 29.19 -5.13
N ARG B 220 6.58 28.36 -6.08
CA ARG B 220 7.44 28.01 -7.20
C ARG B 220 7.60 29.16 -8.20
N GLY B 221 6.85 30.25 -8.03
CA GLY B 221 6.91 31.39 -8.91
C GLY B 221 6.00 31.35 -10.13
N VAL B 222 5.15 30.33 -10.25
CA VAL B 222 4.16 30.22 -11.31
C VAL B 222 2.97 29.48 -10.75
N SER B 223 1.83 29.62 -11.44
CA SER B 223 0.60 28.91 -11.08
C SER B 223 0.12 29.26 -9.68
N PHE B 224 -0.67 28.38 -9.06
CA PHE B 224 -1.35 28.70 -7.81
C PHE B 224 -1.26 27.55 -6.82
N THR B 225 -1.74 27.82 -5.62
CA THR B 225 -2.11 26.83 -4.64
C THR B 225 -3.63 26.80 -4.51
N PHE B 226 -4.16 25.66 -4.06
CA PHE B 226 -5.61 25.53 -3.89
C PHE B 226 -5.90 24.77 -2.60
N GLY B 227 -7.05 25.10 -2.00
CA GLY B 227 -7.41 24.59 -0.71
C GLY B 227 -8.35 23.38 -0.78
N ALA B 228 -8.64 22.83 0.41
CA ALA B 228 -9.42 21.61 0.49
C ALA B 228 -10.84 21.79 0.00
N GLU B 229 -11.41 22.99 0.14
CA GLU B 229 -12.77 23.23 -0.33
C GLU B 229 -12.82 23.27 -1.85
N VAL B 230 -11.78 23.84 -2.48
CA VAL B 230 -11.68 23.81 -3.93
C VAL B 230 -11.70 22.38 -4.44
N VAL B 231 -10.99 21.48 -3.75
CA VAL B 231 -10.97 20.08 -4.14
C VAL B 231 -12.37 19.47 -3.99
N ALA B 232 -12.99 19.69 -2.83
CA ALA B 232 -14.32 19.14 -2.57
C ALA B 232 -15.32 19.61 -3.62
N LYS B 233 -15.34 20.91 -3.93
CA LYS B 233 -16.26 21.43 -4.92
C LYS B 233 -16.01 20.82 -6.29
N PHE B 234 -14.74 20.65 -6.66
CA PHE B 234 -14.40 20.13 -7.98
C PHE B 234 -14.88 18.69 -8.13
N LEU B 235 -14.62 17.85 -7.12
CA LEU B 235 -15.07 16.45 -7.19
C LEU B 235 -16.58 16.38 -7.26
N HIS B 236 -17.27 17.25 -6.51
CA HIS B 236 -18.73 17.31 -6.53
C HIS B 236 -19.24 17.72 -7.90
N LYS B 237 -18.64 18.77 -8.48
CA LYS B 237 -19.14 19.31 -9.75
C LYS B 237 -18.98 18.32 -10.90
N HIS B 238 -17.90 17.56 -10.90
CA HIS B 238 -17.60 16.65 -12.02
C HIS B 238 -17.86 15.20 -11.68
N ASP B 239 -18.49 14.92 -10.54
CA ASP B 239 -18.86 13.56 -10.15
C ASP B 239 -17.64 12.66 -10.09
N LEU B 240 -16.60 13.14 -9.42
CA LEU B 240 -15.36 12.39 -9.24
C LEU B 240 -15.20 12.02 -7.77
N ASP B 241 -14.37 11.00 -7.53
CA ASP B 241 -14.09 10.55 -6.17
C ASP B 241 -12.71 10.94 -5.66
N LEU B 242 -11.76 11.22 -6.55
CA LEU B 242 -10.38 11.37 -6.11
C LEU B 242 -9.58 12.15 -7.15
N ILE B 243 -8.71 13.04 -6.67
CA ILE B 243 -7.68 13.66 -7.48
CA ILE B 243 -7.68 13.66 -7.49
C ILE B 243 -6.35 12.98 -7.18
N CYS B 244 -5.67 12.52 -8.22
CA CYS B 244 -4.38 11.84 -8.06
C CYS B 244 -3.34 12.65 -8.81
N ARG B 245 -2.36 13.19 -8.08
CA ARG B 245 -1.33 14.02 -8.70
C ARG B 245 0.02 13.67 -8.08
N ALA B 246 1.05 14.42 -8.50
CA ALA B 246 2.41 14.18 -8.06
C ALA B 246 3.09 15.49 -7.70
N HIS B 247 4.24 15.77 -8.32
CA HIS B 247 4.83 17.10 -8.35
C HIS B 247 5.47 17.55 -7.05
N GLN B 248 4.88 17.19 -5.90
CA GLN B 248 5.40 17.60 -4.59
C GLN B 248 6.07 16.43 -3.89
N VAL B 249 7.27 16.67 -3.34
CA VAL B 249 7.95 15.63 -2.57
CA VAL B 249 7.96 15.63 -2.57
C VAL B 249 7.30 15.50 -1.21
N VAL B 250 6.91 14.28 -0.86
CA VAL B 250 6.26 14.00 0.41
C VAL B 250 7.04 12.88 1.10
N GLU B 251 7.18 12.97 2.42
CA GLU B 251 8.11 12.12 3.15
C GLU B 251 7.76 10.64 3.01
N ASP B 252 6.47 10.31 3.01
CA ASP B 252 6.04 8.92 2.97
C ASP B 252 5.93 8.37 1.56
N GLY B 253 6.26 9.16 0.53
CA GLY B 253 6.05 8.76 -0.84
C GLY B 253 4.65 9.01 -1.36
N TYR B 254 3.67 9.11 -0.46
CA TYR B 254 2.29 9.43 -0.79
C TYR B 254 1.69 10.28 0.32
N GLU B 255 0.75 11.15 0.00
CA GLU B 255 0.16 12.00 1.01
C GLU B 255 -1.31 12.19 0.66
N PHE B 256 -2.21 11.87 1.59
CA PHE B 256 -3.60 12.19 1.29
C PHE B 256 -3.88 13.63 1.71
N PHE B 257 -4.93 14.20 1.12
CA PHE B 257 -5.27 15.60 1.31
C PHE B 257 -6.79 15.75 1.23
N ALA B 258 -7.33 16.66 2.03
CA ALA B 258 -8.75 17.01 2.03
C ALA B 258 -9.62 15.77 2.29
N LYS B 259 -9.37 15.12 3.43
CA LYS B 259 -10.09 13.91 3.84
C LYS B 259 -10.06 12.87 2.73
N ARG B 260 -8.84 12.57 2.27
CA ARG B 260 -8.58 11.52 1.27
C ARG B 260 -9.32 11.76 -0.05
N GLN B 261 -9.63 13.02 -0.36
CA GLN B 261 -10.19 13.34 -1.67
C GLN B 261 -9.12 13.66 -2.70
N LEU B 262 -7.88 13.87 -2.28
CA LEU B 262 -6.74 14.04 -3.17
C LEU B 262 -5.57 13.26 -2.59
N VAL B 263 -4.72 12.74 -3.48
CA VAL B 263 -3.50 12.05 -3.08
C VAL B 263 -2.34 12.57 -3.91
N THR B 264 -1.19 12.74 -3.26
CA THR B 264 0.05 13.10 -3.93
C THR B 264 0.95 11.87 -3.98
N LEU B 265 1.47 11.56 -5.16
CA LEU B 265 2.37 10.43 -5.36
C LEU B 265 3.74 10.96 -5.75
N PHE B 266 4.77 10.48 -5.06
CA PHE B 266 6.16 10.82 -5.38
C PHE B 266 6.95 9.53 -5.33
N SER B 267 7.52 9.13 -6.46
CA SER B 267 8.06 7.79 -6.64
C SER B 267 9.57 7.73 -6.63
N ALA B 268 10.25 8.86 -6.38
CA ALA B 268 11.70 8.91 -6.35
C ALA B 268 12.20 8.96 -4.91
N PRO B 269 12.67 7.86 -4.34
CA PRO B 269 13.15 7.90 -2.95
C PRO B 269 14.52 8.57 -2.85
N ASN B 270 14.82 9.02 -1.62
CA ASN B 270 16.12 9.62 -1.30
C ASN B 270 16.39 10.83 -2.19
N TYR B 271 15.34 11.60 -2.46
CA TYR B 271 15.37 12.75 -3.37
C TYR B 271 15.64 14.06 -2.65
N CYS B 272 14.95 14.28 -1.54
CA CYS B 272 14.93 15.58 -0.87
C CYS B 272 16.18 15.79 -0.01
N GLY B 273 16.61 17.05 0.08
CA GLY B 273 17.74 17.41 0.91
C GLY B 273 17.37 17.71 2.34
N GLU B 274 16.09 17.96 2.61
CA GLU B 274 15.64 18.29 3.96
C GLU B 274 15.14 17.09 4.74
N PHE B 275 14.76 16.01 4.08
CA PHE B 275 14.28 14.83 4.78
C PHE B 275 14.42 13.64 3.85
N ASP B 276 14.52 12.46 4.45
CA ASP B 276 14.64 11.22 3.69
C ASP B 276 13.23 10.79 3.29
N ASN B 277 12.92 10.92 2.01
CA ASN B 277 11.59 10.60 1.51
C ASN B 277 11.60 9.19 0.91
N ALA B 278 10.47 8.52 1.07
CA ALA B 278 10.22 7.28 0.36
C ALA B 278 9.65 7.57 -1.02
N GLY B 279 9.65 6.53 -1.86
CA GLY B 279 8.95 6.57 -3.13
C GLY B 279 7.79 5.58 -3.08
N ALA B 280 6.63 6.02 -3.55
CA ALA B 280 5.43 5.22 -3.47
C ALA B 280 4.80 5.05 -4.85
N MET B 281 4.26 3.85 -5.08
CA MET B 281 3.51 3.54 -6.28
C MET B 281 2.13 3.05 -5.84
N MET B 282 1.08 3.60 -6.45
CA MET B 282 -0.29 3.36 -5.99
C MET B 282 -0.96 2.32 -6.88
N SER B 283 -1.44 1.24 -6.25
CA SER B 283 -2.23 0.24 -6.95
CA SER B 283 -2.23 0.23 -6.94
C SER B 283 -3.71 0.58 -6.83
N VAL B 284 -4.38 0.69 -7.97
CA VAL B 284 -5.81 0.98 -8.03
C VAL B 284 -6.49 -0.29 -8.55
N ASP B 285 -7.31 -0.91 -7.71
CA ASP B 285 -7.89 -2.19 -8.07
C ASP B 285 -9.21 -2.03 -8.81
N GLU B 286 -9.84 -3.16 -9.16
CA GLU B 286 -11.04 -3.18 -10.00
C GLU B 286 -12.12 -2.24 -9.51
N THR B 287 -12.23 -2.05 -8.19
CA THR B 287 -13.26 -1.19 -7.61
C THR B 287 -12.72 0.20 -7.26
N LEU B 288 -11.57 0.57 -7.83
CA LEU B 288 -10.91 1.87 -7.62
C LEU B 288 -10.42 2.05 -6.21
N MET B 289 -10.21 0.96 -5.49
CA MET B 289 -9.60 1.00 -4.16
C MET B 289 -8.09 1.11 -4.28
N CYS B 290 -7.50 1.96 -3.43
CA CYS B 290 -6.10 2.35 -3.56
C CYS B 290 -5.24 1.72 -2.48
N SER B 291 -4.11 1.12 -2.88
CA SER B 291 -3.10 0.61 -1.97
C SER B 291 -1.74 1.06 -2.50
N PHE B 292 -0.68 0.77 -1.74
CA PHE B 292 0.61 1.35 -2.05
C PHE B 292 1.74 0.33 -1.94
N GLN B 293 2.69 0.44 -2.87
CA GLN B 293 3.97 -0.25 -2.79
C GLN B 293 5.04 0.82 -2.69
N ILE B 294 5.94 0.69 -1.72
CA ILE B 294 6.75 1.81 -1.26
C ILE B 294 8.23 1.42 -1.27
N LEU B 295 9.05 2.29 -1.84
CA LEU B 295 10.51 2.20 -1.72
C LEU B 295 10.89 3.01 -0.49
N LYS B 296 11.15 2.32 0.62
CA LYS B 296 11.50 3.01 1.84
C LYS B 296 12.86 3.66 1.69
N PRO B 297 13.12 4.76 2.41
CA PRO B 297 14.45 5.39 2.33
C PRO B 297 15.53 4.48 2.84
N ALA B 298 16.75 4.69 2.34
CA ALA B 298 17.89 3.84 2.67
C ALA B 298 18.24 3.91 4.16
N DAL C 1 7.26 -1.29 25.29
CA DAL C 1 7.53 -0.74 26.61
CB DAL C 1 8.55 -1.62 27.31
C DAL C 1 6.23 -0.73 27.43
O DAL C 1 6.10 -0.16 28.46
N LEU C 2 5.11 -1.53 26.77
CA LEU C 2 3.90 -1.48 27.57
C LEU C 2 3.93 -2.54 28.69
C ACB C 3 3.91 -5.93 29.08
O ACB C 3 3.78 -6.88 29.90
OXT ACB C 3 3.39 -6.01 27.93
CA ACB C 3 4.70 -4.71 29.46
N ACB C 3 4.73 -3.77 28.32
CB ACB C 3 6.15 -5.09 29.74
CG ACB C 3 6.71 -5.60 28.39
OD1 ACB C 3 6.82 -4.93 27.40
C4 ACB C 3 6.93 -3.85 30.17
N ARG C 4 7.09 -7.07 28.46
CA ARG C 4 7.61 -7.56 27.10
C ARG C 4 6.44 -8.57 26.55
C1 1ZN C 5 4.23 -18.96 30.41
O1 1ZN C 5 3.76 -17.67 30.72
C2 1ZN C 5 3.97 -16.73 29.71
C3 1ZN C 5 2.62 -16.27 29.13
C4 1ZN C 5 1.91 -17.43 28.40
C5 1ZN C 5 2.51 -18.06 27.32
C6 1ZN C 5 1.86 -19.09 26.66
C7 1ZN C 5 0.60 -19.50 27.08
C8 1ZN C 5 -0.01 -18.87 28.16
C9 1ZN C 5 0.64 -17.84 28.81
C10 1ZN C 5 4.66 -15.48 30.28
C11 1ZN C 5 6.02 -15.87 30.84
C12 1ZN C 5 4.89 -14.44 29.17
C13 1ZN C 5 4.34 -13.19 29.25
C14 1ZN C 5 3.48 -12.79 30.44
C15 1ZN C 5 4.61 -12.17 28.09
C16 1ZN C 5 4.06 -10.91 28.11
CA 1ZN C 5 4.36 -9.97 26.97
N 1ZN C 5 5.24 -8.86 27.47
C18 1ZN C 5 3.08 -9.39 26.39
C19 1ZN C 5 2.04 -10.48 26.18
C 1ZN C 5 3.45 -8.74 25.04
O 1ZN C 5 3.47 -9.30 24.00
N FGA C 6 3.79 -7.26 25.23
CA FGA C 6 4.17 -6.63 23.97
C FGA C 6 3.03 -6.55 22.97
O FGA C 6 1.90 -6.12 23.32
CB FGA C 6 4.59 -5.20 24.33
CG FGA C 6 5.67 -4.68 23.32
CD FGA C 6 5.61 -3.13 23.52
OE1 FGA C 6 4.80 -2.63 24.23
OXT FGA C 6 3.24 -6.92 21.77
N DAM C 7 6.62 -2.33 22.75
CM DAM C 7 7.61 -2.98 21.88
CA DAM C 7 6.58 -0.86 22.94
CB DAM C 7 5.75 -0.25 22.13
C DAM C 7 6.57 -0.32 24.39
O DAM C 7 6.38 0.83 24.66
N DAL D 1 14.53 21.84 -1.08
CA DAL D 1 15.74 22.64 -0.85
CB DAL D 1 15.34 24.10 -0.70
C DAL D 1 16.74 22.50 -2.01
O DAL D 1 17.81 23.01 -2.01
N LEU D 2 16.22 21.63 -3.13
CA LEU D 2 17.21 21.51 -4.18
C LEU D 2 17.21 22.76 -5.09
C ACB D 3 15.26 24.61 -6.99
O ACB D 3 14.54 23.56 -7.08
OXT ACB D 3 15.26 25.43 -7.94
CA ACB D 3 16.10 24.86 -5.78
N ACB D 3 16.03 23.68 -4.87
CB ACB D 3 15.53 26.06 -5.03
CG ACB D 3 14.03 25.74 -4.76
OD1 ACB D 3 13.67 24.90 -4.00
C4 ACB D 3 16.26 26.25 -3.73
N ARG D 4 13.07 26.59 -5.57
CA ARG D 4 11.61 26.17 -5.23
C ARG D 4 10.99 25.63 -6.65
C1 1ZN D 5 10.37 30.72 -16.19
O1 1ZN D 5 9.11 30.53 -15.58
C2 1ZN D 5 9.06 29.61 -14.52
C3 1ZN D 5 9.41 28.19 -14.98
C4 1ZN D 5 8.59 27.81 -16.25
C5 1ZN D 5 7.22 27.60 -16.17
C6 1ZN D 5 6.52 27.25 -17.32
C7 1ZN D 5 7.17 27.11 -18.53
C8 1ZN D 5 8.54 27.32 -18.61
C9 1ZN D 5 9.25 27.66 -17.46
C10 1ZN D 5 10.03 30.02 -13.40
C11 1ZN D 5 9.64 31.36 -12.83
C12 1ZN D 5 9.91 29.00 -12.26
C13 1ZN D 5 10.94 28.20 -11.86
C14 1ZN D 5 12.31 28.24 -12.53
C15 1ZN D 5 10.66 27.21 -10.68
C16 1ZN D 5 11.51 26.20 -10.35
CA 1ZN D 5 11.16 25.31 -9.18
N 1ZN D 5 11.79 25.88 -7.94
C18 1ZN D 5 11.65 23.90 -9.47
C19 1ZN D 5 11.28 23.50 -10.90
C 1ZN D 5 10.96 22.95 -8.47
O 1ZN D 5 9.87 22.53 -8.61
N FGA D 6 11.86 22.63 -7.28
CA FGA D 6 11.18 21.75 -6.34
C FGA D 6 11.04 20.34 -6.85
O FGA D 6 9.94 19.75 -6.71
CB FGA D 6 12.03 21.76 -5.05
CG FGA D 6 11.30 21.03 -3.87
CD FGA D 6 12.49 20.44 -3.04
OE1 FGA D 6 13.55 20.22 -3.54
OXT FGA D 6 12.00 19.75 -7.42
N DAM D 7 12.23 20.18 -1.59
CM DAM D 7 10.94 20.47 -0.96
CA DAM D 7 13.38 19.64 -0.81
CB DAM D 7 13.47 18.35 -0.90
C DAM D 7 14.74 20.37 -0.84
O DAM D 7 15.73 19.91 -0.37
MN MN E . 0.72 -11.07 19.85
MN MN F . 6.92 18.46 -11.00
#